data_6Q37
#
_entry.id   6Q37
#
_cell.length_a   128.162
_cell.length_b   128.162
_cell.length_c   158.985
_cell.angle_alpha   90.000
_cell.angle_beta   90.000
_cell.angle_gamma   90.000
#
_symmetry.space_group_name_H-M   'P 42 21 2'
#
loop_
_entity.id
_entity.type
_entity.pdbx_description
1 polymer 'Arginase-2, mitochondrial'
2 non-polymer 'MANGANESE (II) ION'
3 non-polymer BENZAMIDINE
4 non-polymer BETA-MERCAPTOETHANOL
5 non-polymer 3-[(3~{S},4~{R})-4-azanyl-4-carboxy-pyrrolidin-3-yl]propyl-tris(oxidanyl)boranuide
6 non-polymer 1,2-ETHANEDIOL
7 water water
#
_entity_poly.entity_id   1
_entity_poly.type   'polypeptide(L)'
_entity_poly.pdbx_seq_one_letter_code
;HSVAVIGAPFSQGQKRKGVEHGPAAIREAGLMKRLSSLGCHLKDFGDLSFTPVPKDDLYNNLIVNPRSVGLANQELAEVV
SRAVSDGYSCVTLGGDHSLAIGTISGHARHCPDLCVVWVDAHADINTPLTTSSGNLHGQPVSFLLRELQDKVPQLPGFSW
IKPCISSASIVYIGLRDVDPPEHFILKNYDIQYFSMRDIDRLGIQKVMERTFDLLIGKRQRPIHLSFDIDAFDPTLAPAT
GTPVVGGLTYREGMYIAEEIHNTGLLSALDLVEVNPQLATSEEEAKTTANLAVDVIASSFGQTREG
;
_entity_poly.pdbx_strand_id   A,B,C
#
# COMPACT_ATOMS: atom_id res chain seq x y z
N HIS A 1 -2.08 11.69 -32.26
CA HIS A 1 -2.75 12.76 -31.52
C HIS A 1 -4.26 12.81 -31.77
N SER A 2 -4.79 11.74 -32.36
CA SER A 2 -6.23 11.55 -32.53
C SER A 2 -6.64 10.28 -31.81
N VAL A 3 -7.83 10.30 -31.21
CA VAL A 3 -8.29 9.19 -30.39
C VAL A 3 -9.76 8.91 -30.72
N ALA A 4 -10.04 7.67 -31.05
CA ALA A 4 -11.40 7.18 -31.21
C ALA A 4 -11.83 6.50 -29.91
N VAL A 5 -13.08 6.74 -29.50
CA VAL A 5 -13.66 6.10 -28.33
C VAL A 5 -14.82 5.25 -28.80
N ILE A 6 -14.78 3.95 -28.49
CA ILE A 6 -15.82 3.00 -28.86
C ILE A 6 -16.36 2.36 -27.61
N GLY A 7 -17.66 2.51 -27.37
CA GLY A 7 -18.32 1.78 -26.30
C GLY A 7 -18.71 0.40 -26.79
N ALA A 8 -18.27 -0.65 -26.09
CA ALA A 8 -18.60 -2.03 -26.43
C ALA A 8 -19.36 -2.61 -25.25
N PRO A 9 -20.65 -2.32 -25.13
CA PRO A 9 -21.43 -2.76 -23.95
C PRO A 9 -21.78 -4.24 -24.01
N PHE A 10 -20.77 -5.09 -24.01
CA PHE A 10 -20.98 -6.52 -24.12
C PHE A 10 -20.88 -7.22 -22.77
N SER A 11 -21.78 -8.16 -22.53
CA SER A 11 -21.81 -8.95 -21.31
C SER A 11 -21.82 -10.44 -21.54
N GLN A 12 -21.93 -10.91 -22.79
CA GLN A 12 -22.17 -12.33 -23.00
C GLN A 12 -20.90 -13.17 -22.98
N GLY A 13 -19.74 -12.56 -22.78
CA GLY A 13 -18.55 -13.33 -22.45
C GLY A 13 -18.56 -13.93 -21.05
N GLN A 14 -19.54 -13.58 -20.22
CA GLN A 14 -19.62 -14.11 -18.85
C GLN A 14 -21.10 -14.09 -18.45
N LYS A 15 -21.38 -14.40 -17.19
CA LYS A 15 -22.75 -14.65 -16.77
C LYS A 15 -23.32 -13.59 -15.83
N ARG A 16 -22.52 -12.62 -15.38
CA ARG A 16 -23.00 -11.64 -14.42
C ARG A 16 -23.54 -10.42 -15.15
N LYS A 17 -24.73 -9.98 -14.74
CA LYS A 17 -25.37 -8.84 -15.36
C LYS A 17 -24.72 -7.55 -14.90
N GLY A 18 -24.64 -6.57 -15.81
CA GLY A 18 -24.31 -5.19 -15.47
C GLY A 18 -23.05 -4.66 -16.13
N VAL A 19 -22.13 -5.57 -16.51
CA VAL A 19 -20.90 -5.12 -17.14
C VAL A 19 -21.18 -4.38 -18.45
N GLU A 20 -22.36 -4.60 -19.05
CA GLU A 20 -22.68 -3.84 -20.24
C GLU A 20 -22.95 -2.37 -19.93
N HIS A 21 -22.99 -1.97 -18.66
CA HIS A 21 -23.09 -0.57 -18.30
C HIS A 21 -21.72 0.06 -18.01
N GLY A 22 -20.64 -0.70 -18.15
CA GLY A 22 -19.30 -0.15 -18.05
C GLY A 22 -19.07 1.11 -18.86
N PRO A 23 -19.38 1.07 -20.17
CA PRO A 23 -19.07 2.25 -21.02
C PRO A 23 -19.78 3.51 -20.56
N ALA A 24 -21.08 3.43 -20.29
CA ALA A 24 -21.79 4.61 -19.80
C ALA A 24 -21.16 5.12 -18.51
N ALA A 25 -20.85 4.21 -17.58
CA ALA A 25 -20.24 4.62 -16.32
C ALA A 25 -18.91 5.32 -16.54
N ILE A 26 -18.08 4.81 -17.45
CA ILE A 26 -16.79 5.44 -17.67
C ILE A 26 -16.96 6.80 -18.33
N ARG A 27 -17.90 6.89 -19.29
CA ARG A 27 -18.20 8.19 -19.88
C ARG A 27 -18.71 9.18 -18.85
N GLU A 28 -19.62 8.75 -17.97
CA GLU A 28 -20.16 9.63 -16.95
CA GLU A 28 -20.15 9.66 -16.97
C GLU A 28 -19.08 10.11 -15.99
N ALA A 29 -18.04 9.31 -15.78
CA ALA A 29 -16.93 9.79 -14.95
C ALA A 29 -16.03 10.83 -15.69
N GLY A 30 -16.40 11.36 -16.85
CA GLY A 30 -15.66 12.48 -17.43
C GLY A 30 -14.59 12.13 -18.44
N LEU A 31 -14.66 10.94 -19.06
CA LEU A 31 -13.57 10.48 -19.92
C LEU A 31 -13.26 11.46 -21.04
N MET A 32 -14.30 11.91 -21.77
CA MET A 32 -14.04 12.67 -22.99
C MET A 32 -13.36 14.00 -22.68
N LYS A 33 -13.84 14.72 -21.65
CA LYS A 33 -13.20 15.98 -21.26
C LYS A 33 -11.74 15.75 -20.87
N ARG A 34 -11.46 14.68 -20.11
CA ARG A 34 -10.09 14.39 -19.72
C ARG A 34 -9.21 14.16 -20.94
N LEU A 35 -9.71 13.40 -21.91
CA LEU A 35 -8.93 13.17 -23.12
C LEU A 35 -8.76 14.46 -23.91
N SER A 36 -9.83 15.27 -24.03
CA SER A 36 -9.73 16.54 -24.74
CA SER A 36 -9.73 16.54 -24.74
C SER A 36 -8.65 17.42 -24.11
N SER A 37 -8.67 17.55 -22.78
CA SER A 37 -7.75 18.44 -22.09
CA SER A 37 -7.75 18.44 -22.08
C SER A 37 -6.30 18.09 -22.37
N LEU A 38 -6.02 16.83 -22.71
CA LEU A 38 -4.66 16.43 -23.04
C LEU A 38 -4.27 16.84 -24.45
N GLY A 39 -5.21 17.33 -25.25
CA GLY A 39 -4.94 17.62 -26.65
C GLY A 39 -5.35 16.53 -27.62
N CYS A 40 -6.05 15.50 -27.16
CA CYS A 40 -6.58 14.50 -28.07
C CYS A 40 -7.70 15.09 -28.90
N HIS A 41 -7.57 14.98 -30.22
CA HIS A 41 -8.70 15.16 -31.11
C HIS A 41 -9.54 13.90 -31.06
N LEU A 42 -10.84 14.04 -30.82
CA LEU A 42 -11.69 12.93 -30.44
C LEU A 42 -12.72 12.61 -31.51
N LYS A 43 -12.91 11.31 -31.74
CA LYS A 43 -14.05 10.80 -32.49
C LYS A 43 -14.76 9.81 -31.59
N ASP A 44 -16.00 10.12 -31.24
CA ASP A 44 -16.81 9.26 -30.39
C ASP A 44 -17.72 8.44 -31.27
N PHE A 45 -17.47 7.13 -31.33
CA PHE A 45 -18.36 6.23 -32.07
C PHE A 45 -19.61 5.87 -31.29
N GLY A 46 -19.80 6.40 -30.08
CA GLY A 46 -20.90 5.98 -29.24
C GLY A 46 -20.74 4.54 -28.79
N ASP A 47 -21.82 4.01 -28.20
CA ASP A 47 -21.90 2.60 -27.84
C ASP A 47 -22.46 1.81 -29.02
N LEU A 48 -21.75 0.75 -29.42
CA LEU A 48 -22.23 -0.09 -30.49
C LEU A 48 -23.43 -0.90 -30.03
N SER A 49 -24.31 -1.23 -30.97
CA SER A 49 -25.38 -2.20 -30.79
C SER A 49 -25.01 -3.44 -31.59
N PHE A 50 -24.86 -4.57 -30.92
CA PHE A 50 -24.41 -5.77 -31.61
C PHE A 50 -25.58 -6.61 -32.08
N THR A 51 -25.38 -7.25 -33.22
CA THR A 51 -26.43 -8.05 -33.81
C THR A 51 -26.67 -9.31 -32.99
N PRO A 52 -27.90 -9.56 -32.54
CA PRO A 52 -28.17 -10.83 -31.85
C PRO A 52 -28.11 -12.00 -32.82
N VAL A 53 -27.91 -13.18 -32.25
CA VAL A 53 -27.92 -14.42 -33.00
C VAL A 53 -29.03 -15.31 -32.45
N PRO A 54 -30.00 -15.72 -33.28
CA PRO A 54 -31.06 -16.61 -32.79
C PRO A 54 -30.50 -17.96 -32.35
N LYS A 55 -31.07 -18.50 -31.26
CA LYS A 55 -30.79 -19.88 -30.85
C LYS A 55 -29.30 -20.12 -30.62
N ASP A 56 -28.67 -19.22 -29.89
CA ASP A 56 -27.23 -19.31 -29.65
C ASP A 56 -26.99 -20.30 -28.51
N ASP A 57 -27.21 -21.58 -28.81
CA ASP A 57 -27.07 -22.66 -27.83
C ASP A 57 -25.63 -22.79 -27.35
N LEU A 58 -25.46 -23.33 -26.14
CA LEU A 58 -24.15 -23.69 -25.62
C LEU A 58 -23.37 -24.48 -26.65
N TYR A 59 -22.06 -24.26 -26.69
CA TYR A 59 -21.16 -25.10 -27.47
C TYR A 59 -20.63 -26.20 -26.57
N ASN A 60 -20.72 -27.44 -27.04
CA ASN A 60 -20.20 -28.58 -26.29
C ASN A 60 -20.78 -28.66 -24.88
N ASN A 61 -22.02 -28.21 -24.71
CA ASN A 61 -22.70 -28.23 -23.41
C ASN A 61 -21.88 -27.48 -22.35
N LEU A 62 -21.15 -26.44 -22.75
CA LEU A 62 -20.30 -25.73 -21.79
C LEU A 62 -20.08 -24.26 -22.12
N ILE A 63 -19.59 -23.95 -23.32
CA ILE A 63 -19.26 -22.58 -23.70
C ILE A 63 -20.54 -21.81 -23.99
N VAL A 64 -20.73 -20.70 -23.31
CA VAL A 64 -21.99 -19.96 -23.37
C VAL A 64 -21.90 -18.83 -24.40
N ASN A 65 -23.02 -18.61 -25.12
CA ASN A 65 -23.20 -17.56 -26.11
C ASN A 65 -22.08 -17.51 -27.16
N PRO A 66 -21.65 -18.65 -27.72
CA PRO A 66 -20.50 -18.58 -28.66
C PRO A 66 -20.76 -17.72 -29.88
N ARG A 67 -21.91 -17.90 -30.53
CA ARG A 67 -22.16 -17.14 -31.76
C ARG A 67 -22.35 -15.65 -31.47
N SER A 68 -23.04 -15.31 -30.39
CA SER A 68 -23.21 -13.90 -30.04
C SER A 68 -21.87 -13.23 -29.79
N VAL A 69 -20.99 -13.90 -29.04
CA VAL A 69 -19.66 -13.34 -28.77
C VAL A 69 -18.85 -13.26 -30.05
N GLY A 70 -18.95 -14.30 -30.90
CA GLY A 70 -18.24 -14.28 -32.17
C GLY A 70 -18.68 -13.14 -33.07
N LEU A 71 -19.99 -12.98 -33.24
CA LEU A 71 -20.50 -11.95 -34.14
C LEU A 71 -20.24 -10.56 -33.58
N ALA A 72 -20.46 -10.36 -32.27
CA ALA A 72 -20.21 -9.04 -31.69
C ALA A 72 -18.76 -8.63 -31.90
N ASN A 73 -17.83 -9.56 -31.71
CA ASN A 73 -16.42 -9.26 -31.94
C ASN A 73 -16.11 -9.05 -33.41
N GLN A 74 -16.78 -9.78 -34.31
CA GLN A 74 -16.60 -9.51 -35.74
C GLN A 74 -16.99 -8.07 -36.06
N GLU A 75 -18.14 -7.63 -35.56
CA GLU A 75 -18.59 -6.27 -35.81
C GLU A 75 -17.68 -5.25 -35.14
N LEU A 76 -17.22 -5.53 -33.91
CA LEU A 76 -16.31 -4.62 -33.22
C LEU A 76 -14.98 -4.50 -33.97
N ALA A 77 -14.42 -5.64 -34.39
CA ALA A 77 -13.18 -5.64 -35.15
C ALA A 77 -13.31 -4.76 -36.39
N GLU A 78 -14.47 -4.79 -37.04
N GLU A 78 -14.47 -4.81 -37.05
CA GLU A 78 -14.67 -3.94 -38.22
CA GLU A 78 -14.71 -3.96 -38.20
C GLU A 78 -14.57 -2.47 -37.82
C GLU A 78 -14.58 -2.48 -37.82
N VAL A 79 -15.22 -2.08 -36.71
CA VAL A 79 -15.16 -0.68 -36.30
C VAL A 79 -13.73 -0.30 -35.89
N VAL A 80 -13.05 -1.19 -35.15
CA VAL A 80 -11.69 -0.87 -34.69
C VAL A 80 -10.75 -0.71 -35.88
N SER A 81 -10.86 -1.62 -36.86
CA SER A 81 -9.98 -1.58 -38.02
C SER A 81 -10.14 -0.28 -38.80
N ARG A 82 -11.38 0.18 -39.02
CA ARG A 82 -11.52 1.45 -39.76
C ARG A 82 -10.99 2.63 -38.96
N ALA A 83 -11.21 2.67 -37.65
CA ALA A 83 -10.71 3.79 -36.85
C ALA A 83 -9.18 3.83 -36.86
N VAL A 84 -8.54 2.68 -36.64
CA VAL A 84 -7.09 2.65 -36.72
C VAL A 84 -6.63 2.98 -38.14
N SER A 85 -7.37 2.49 -39.14
CA SER A 85 -7.04 2.79 -40.52
C SER A 85 -7.10 4.28 -40.81
N ASP A 86 -8.04 5.01 -40.18
CA ASP A 86 -8.17 6.44 -40.39
C ASP A 86 -7.26 7.27 -39.49
N GLY A 87 -6.30 6.64 -38.82
CA GLY A 87 -5.32 7.38 -38.03
C GLY A 87 -5.63 7.56 -36.56
N TYR A 88 -6.70 6.96 -36.04
CA TYR A 88 -7.05 7.11 -34.64
C TYR A 88 -6.33 6.06 -33.77
N SER A 89 -5.78 6.50 -32.65
CA SER A 89 -5.55 5.60 -31.54
C SER A 89 -6.90 5.19 -30.97
N CYS A 90 -7.09 3.89 -30.83
CA CYS A 90 -8.40 3.37 -30.43
C CYS A 90 -8.60 2.95 -28.98
N VAL A 91 -9.55 3.65 -28.36
CA VAL A 91 -9.96 3.33 -26.99
C VAL A 91 -11.29 2.58 -27.02
N THR A 92 -11.31 1.34 -26.53
CA THR A 92 -12.55 0.57 -26.45
C THR A 92 -12.93 0.35 -24.98
N LEU A 93 -14.14 0.78 -24.62
CA LEU A 93 -14.65 0.64 -23.26
CA LEU A 93 -14.65 0.64 -23.26
C LEU A 93 -15.54 -0.59 -23.16
N GLY A 94 -15.22 -1.49 -22.23
CA GLY A 94 -16.05 -2.66 -22.01
C GLY A 94 -17.11 -2.42 -20.92
N GLY A 95 -17.99 -3.42 -20.73
CA GLY A 95 -17.96 -4.69 -21.45
C GLY A 95 -16.99 -5.72 -20.86
N ASP A 96 -17.29 -7.00 -21.02
CA ASP A 96 -16.42 -8.05 -20.51
C ASP A 96 -15.21 -8.24 -21.45
N HIS A 97 -14.20 -8.95 -20.95
CA HIS A 97 -12.91 -8.98 -21.65
C HIS A 97 -12.94 -9.80 -22.93
N SER A 98 -14.03 -10.52 -23.22
CA SER A 98 -14.07 -11.24 -24.48
C SER A 98 -14.03 -10.28 -25.68
N LEU A 99 -14.33 -9.00 -25.47
CA LEU A 99 -14.28 -8.10 -26.61
C LEU A 99 -12.85 -7.81 -27.06
N ALA A 100 -11.84 -8.22 -26.29
CA ALA A 100 -10.48 -8.10 -26.79
C ALA A 100 -10.24 -9.00 -28.00
N ILE A 101 -11.05 -10.05 -28.20
CA ILE A 101 -10.98 -10.80 -29.45
C ILE A 101 -11.20 -9.86 -30.62
N GLY A 102 -12.21 -9.00 -30.52
CA GLY A 102 -12.51 -8.07 -31.60
C GLY A 102 -11.54 -6.90 -31.70
N THR A 103 -11.13 -6.31 -30.58
CA THR A 103 -10.29 -5.12 -30.68
C THR A 103 -8.88 -5.47 -31.15
N ILE A 104 -8.34 -6.58 -30.67
CA ILE A 104 -7.01 -6.97 -31.12
C ILE A 104 -7.05 -7.49 -32.56
N SER A 105 -8.09 -8.27 -32.91
CA SER A 105 -8.22 -8.69 -34.31
C SER A 105 -8.35 -7.48 -35.23
N GLY A 106 -9.22 -6.55 -34.87
CA GLY A 106 -9.41 -5.36 -35.70
C GLY A 106 -8.15 -4.50 -35.77
N HIS A 107 -7.47 -4.33 -34.63
CA HIS A 107 -6.19 -3.63 -34.58
C HIS A 107 -5.16 -4.31 -35.47
N ALA A 108 -5.01 -5.63 -35.32
CA ALA A 108 -4.01 -6.34 -36.11
C ALA A 108 -4.33 -6.29 -37.59
N ARG A 109 -5.62 -6.18 -37.93
CA ARG A 109 -6.02 -6.10 -39.33
C ARG A 109 -5.37 -4.92 -40.03
N HIS A 110 -5.13 -3.82 -39.31
CA HIS A 110 -4.40 -2.71 -39.91
C HIS A 110 -2.94 -2.63 -39.50
N CYS A 111 -2.56 -3.19 -38.36
CA CYS A 111 -1.20 -3.09 -37.81
C CYS A 111 -0.74 -4.49 -37.42
N PRO A 112 -0.35 -5.32 -38.38
CA PRO A 112 -0.07 -6.74 -38.06
C PRO A 112 1.15 -6.98 -37.17
N ASP A 113 2.08 -6.03 -37.06
CA ASP A 113 3.24 -6.22 -36.18
C ASP A 113 3.02 -5.65 -34.77
N LEU A 114 1.77 -5.46 -34.36
CA LEU A 114 1.47 -4.99 -33.01
C LEU A 114 1.95 -5.98 -31.95
N CYS A 115 2.13 -5.47 -30.74
CA CYS A 115 2.40 -6.28 -29.57
C CYS A 115 1.37 -5.90 -28.51
N VAL A 116 1.25 -6.75 -27.48
CA VAL A 116 0.15 -6.67 -26.54
C VAL A 116 0.68 -6.64 -25.12
N VAL A 117 0.26 -5.62 -24.35
CA VAL A 117 0.48 -5.60 -22.91
C VAL A 117 -0.88 -5.85 -22.26
N TRP A 118 -0.98 -6.95 -21.51
CA TRP A 118 -2.24 -7.45 -20.98
C TRP A 118 -2.18 -7.30 -19.46
N VAL A 119 -2.91 -6.33 -18.93
CA VAL A 119 -2.84 -5.99 -17.50
C VAL A 119 -4.09 -6.53 -16.82
N ASP A 120 -3.90 -7.44 -15.88
CA ASP A 120 -5.02 -8.30 -15.52
C ASP A 120 -4.59 -9.15 -14.33
N ALA A 121 -5.54 -9.43 -13.45
CA ALA A 121 -5.33 -10.43 -12.42
C ALA A 121 -5.28 -11.84 -13.02
N HIS A 122 -5.84 -11.99 -14.21
CA HIS A 122 -6.05 -13.27 -14.85
C HIS A 122 -5.32 -13.34 -16.19
N ALA A 123 -4.97 -14.56 -16.59
CA ALA A 123 -4.30 -14.79 -17.87
C ALA A 123 -5.28 -14.82 -19.04
N ASP A 124 -6.56 -15.15 -18.82
CA ASP A 124 -7.55 -15.09 -19.90
C ASP A 124 -7.13 -15.94 -21.11
N ILE A 125 -6.46 -17.05 -20.86
CA ILE A 125 -5.84 -17.84 -21.91
C ILE A 125 -6.33 -19.29 -21.90
N ASN A 126 -7.39 -19.59 -21.14
CA ASN A 126 -8.03 -20.89 -21.30
C ASN A 126 -8.47 -21.06 -22.75
N THR A 127 -8.47 -22.30 -23.20
CA THR A 127 -9.09 -22.64 -24.47
C THR A 127 -10.46 -23.26 -24.22
N PRO A 128 -11.26 -23.49 -25.28
CA PRO A 128 -12.53 -24.22 -25.09
C PRO A 128 -12.37 -25.59 -24.47
N LEU A 129 -11.17 -26.18 -24.53
CA LEU A 129 -10.91 -27.48 -23.90
C LEU A 129 -10.39 -27.37 -22.47
N THR A 130 -9.97 -26.20 -22.02
CA THR A 130 -9.47 -26.11 -20.66
C THR A 130 -10.36 -25.28 -19.73
N THR A 131 -11.19 -24.40 -20.26
CA THR A 131 -12.06 -23.59 -19.41
C THR A 131 -12.89 -24.49 -18.49
N SER A 132 -12.98 -24.09 -17.23
CA SER A 132 -13.84 -24.78 -16.28
C SER A 132 -15.12 -23.99 -16.01
N SER A 133 -15.24 -22.79 -16.56
CA SER A 133 -16.42 -21.95 -16.43
C SER A 133 -17.28 -21.91 -17.67
N GLY A 134 -16.67 -22.06 -18.85
CA GLY A 134 -17.38 -21.87 -20.10
C GLY A 134 -17.51 -20.44 -20.55
N ASN A 135 -16.98 -19.48 -19.79
CA ASN A 135 -17.16 -18.06 -20.08
C ASN A 135 -16.02 -17.58 -20.99
N LEU A 136 -16.40 -17.01 -22.14
CA LEU A 136 -15.43 -16.63 -23.15
C LEU A 136 -14.54 -15.47 -22.73
N HIS A 137 -14.91 -14.67 -21.71
CA HIS A 137 -14.00 -13.61 -21.26
C HIS A 137 -12.76 -14.15 -20.57
N GLY A 138 -12.75 -15.44 -20.21
CA GLY A 138 -11.62 -16.12 -19.66
C GLY A 138 -10.82 -16.87 -20.69
N GLN A 139 -11.15 -16.72 -21.97
CA GLN A 139 -10.46 -17.41 -23.05
C GLN A 139 -9.95 -16.53 -24.19
N PRO A 140 -10.09 -15.19 -24.15
CA PRO A 140 -9.88 -14.44 -25.41
C PRO A 140 -8.49 -14.64 -26.01
N VAL A 141 -7.47 -14.78 -25.16
CA VAL A 141 -6.11 -14.84 -25.69
C VAL A 141 -5.89 -16.11 -26.48
N SER A 142 -6.56 -17.21 -26.08
CA SER A 142 -6.36 -18.47 -26.79
C SER A 142 -6.75 -18.37 -28.28
N PHE A 143 -7.71 -17.53 -28.61
CA PHE A 143 -8.13 -17.39 -30.00
C PHE A 143 -7.18 -16.52 -30.81
N LEU A 144 -6.26 -15.82 -30.14
CA LEU A 144 -5.42 -14.84 -30.79
C LEU A 144 -3.99 -15.29 -31.01
N LEU A 145 -3.50 -16.27 -30.24
CA LEU A 145 -2.09 -16.65 -30.28
C LEU A 145 -1.89 -17.74 -31.32
N ARG A 146 -0.99 -17.51 -32.28
CA ARG A 146 -0.87 -18.42 -33.41
C ARG A 146 -0.37 -19.79 -32.97
N GLU A 147 0.59 -19.84 -32.04
CA GLU A 147 1.15 -21.12 -31.61
C GLU A 147 0.13 -22.01 -30.92
N LEU A 148 -1.01 -21.48 -30.47
CA LEU A 148 -1.96 -22.30 -29.73
C LEU A 148 -3.02 -22.95 -30.62
N GLN A 149 -3.02 -22.69 -31.92
CA GLN A 149 -4.25 -22.89 -32.67
C GLN A 149 -4.56 -24.36 -32.91
N ASP A 150 -3.54 -25.22 -32.95
CA ASP A 150 -3.80 -26.64 -33.10
C ASP A 150 -4.52 -27.23 -31.87
N LYS A 151 -4.53 -26.52 -30.75
CA LYS A 151 -5.22 -26.97 -29.55
C LYS A 151 -6.52 -26.22 -29.31
N VAL A 152 -6.97 -25.42 -30.26
CA VAL A 152 -8.15 -24.59 -30.07
C VAL A 152 -9.21 -25.01 -31.09
N PRO A 153 -10.28 -25.66 -30.66
CA PRO A 153 -11.32 -26.06 -31.61
C PRO A 153 -12.01 -24.83 -32.18
N GLN A 154 -12.66 -25.02 -33.33
CA GLN A 154 -13.34 -23.91 -33.99
C GLN A 154 -14.76 -23.79 -33.44
N LEU A 155 -15.08 -22.64 -32.92
CA LEU A 155 -16.39 -22.41 -32.33
C LEU A 155 -17.33 -21.79 -33.35
N PRO A 156 -18.64 -22.07 -33.24
CA PRO A 156 -19.59 -21.40 -34.12
C PRO A 156 -19.54 -19.90 -33.93
N GLY A 157 -19.43 -19.17 -35.04
CA GLY A 157 -19.27 -17.74 -35.03
C GLY A 157 -17.84 -17.23 -34.98
N PHE A 158 -16.84 -18.12 -34.89
CA PHE A 158 -15.45 -17.72 -34.74
C PHE A 158 -14.61 -17.89 -35.99
N SER A 159 -15.17 -18.43 -37.09
CA SER A 159 -14.33 -18.80 -38.22
C SER A 159 -13.69 -17.59 -38.90
N TRP A 160 -14.25 -16.40 -38.75
CA TRP A 160 -13.64 -15.18 -39.29
C TRP A 160 -12.32 -14.82 -38.64
N ILE A 161 -11.96 -15.44 -37.50
CA ILE A 161 -10.79 -15.00 -36.74
C ILE A 161 -9.50 -15.53 -37.37
N LYS A 162 -8.54 -14.63 -37.59
CA LYS A 162 -7.22 -14.97 -38.13
C LYS A 162 -6.17 -14.78 -37.05
N PRO A 163 -5.89 -15.79 -36.24
CA PRO A 163 -4.91 -15.64 -35.15
C PRO A 163 -3.48 -15.57 -35.64
N CYS A 164 -2.92 -14.38 -35.81
CA CYS A 164 -1.56 -14.28 -36.35
C CYS A 164 -0.54 -13.73 -35.35
N ILE A 165 -0.96 -13.32 -34.15
CA ILE A 165 -0.03 -12.76 -33.16
C ILE A 165 0.75 -13.87 -32.47
N SER A 166 2.06 -13.66 -32.33
CA SER A 166 2.90 -14.67 -31.73
C SER A 166 2.83 -14.61 -30.22
N SER A 167 3.07 -15.77 -29.59
CA SER A 167 3.14 -15.82 -28.15
C SER A 167 4.32 -15.01 -27.60
N ALA A 168 5.28 -14.63 -28.43
CA ALA A 168 6.35 -13.76 -27.97
C ALA A 168 5.95 -12.29 -27.99
N SER A 169 4.75 -11.98 -28.46
CA SER A 169 4.32 -10.59 -28.65
C SER A 169 3.30 -10.13 -27.62
N ILE A 170 3.12 -10.89 -26.55
CA ILE A 170 2.21 -10.49 -25.48
C ILE A 170 2.95 -10.65 -24.16
N VAL A 171 2.81 -9.66 -23.29
CA VAL A 171 3.36 -9.72 -21.94
C VAL A 171 2.23 -9.42 -20.97
N TYR A 172 2.11 -10.24 -19.93
CA TYR A 172 1.12 -10.03 -18.88
C TYR A 172 1.73 -9.28 -17.71
N ILE A 173 0.93 -8.42 -17.09
CA ILE A 173 1.32 -7.72 -15.86
C ILE A 173 0.16 -7.79 -14.88
N GLY A 174 0.43 -8.30 -13.67
CA GLY A 174 -0.53 -8.26 -12.58
C GLY A 174 -1.11 -9.60 -12.18
N LEU A 175 -0.64 -10.71 -12.75
CA LEU A 175 -1.31 -12.00 -12.61
C LEU A 175 -1.31 -12.47 -11.16
N ARG A 176 -2.45 -13.00 -10.72
CA ARG A 176 -2.49 -13.57 -9.38
C ARG A 176 -3.60 -14.60 -9.24
N ASP A 177 -4.33 -14.91 -10.32
CA ASP A 177 -5.40 -15.91 -10.25
C ASP A 177 -5.42 -16.68 -11.57
N VAL A 178 -4.61 -17.73 -11.65
CA VAL A 178 -4.30 -18.42 -12.89
C VAL A 178 -4.73 -19.87 -12.74
N ASP A 179 -5.55 -20.37 -13.66
CA ASP A 179 -5.96 -21.77 -13.60
C ASP A 179 -4.76 -22.67 -13.93
N PRO A 180 -4.73 -23.89 -13.38
CA PRO A 180 -3.58 -24.80 -13.66
C PRO A 180 -3.35 -25.02 -15.15
N PRO A 181 -4.39 -25.24 -15.97
CA PRO A 181 -4.11 -25.36 -17.42
C PRO A 181 -3.61 -24.07 -18.04
N GLU A 182 -4.02 -22.91 -17.52
CA GLU A 182 -3.44 -21.66 -18.00
C GLU A 182 -1.95 -21.59 -17.65
N HIS A 183 -1.60 -21.98 -16.42
CA HIS A 183 -0.18 -22.02 -16.05
C HIS A 183 0.60 -22.93 -16.98
N PHE A 184 0.04 -24.09 -17.32
CA PHE A 184 0.70 -24.99 -18.26
C PHE A 184 0.90 -24.31 -19.60
N ILE A 185 -0.13 -23.62 -20.11
CA ILE A 185 -0.01 -22.96 -21.40
C ILE A 185 1.09 -21.90 -21.35
N LEU A 186 1.11 -21.10 -20.29
CA LEU A 186 2.09 -20.02 -20.20
C LEU A 186 3.52 -20.57 -20.23
N LYS A 187 3.77 -21.64 -19.46
CA LYS A 187 5.10 -22.26 -19.44
C LYS A 187 5.41 -22.96 -20.76
N ASN A 188 4.48 -23.78 -21.26
CA ASN A 188 4.75 -24.58 -22.45
C ASN A 188 5.06 -23.71 -23.68
N TYR A 189 4.45 -22.54 -23.77
CA TYR A 189 4.70 -21.66 -24.91
C TYR A 189 5.65 -20.52 -24.57
N ASP A 190 6.29 -20.55 -23.40
CA ASP A 190 7.27 -19.54 -23.03
C ASP A 190 6.68 -18.13 -23.13
N ILE A 191 5.43 -17.97 -22.71
CA ILE A 191 4.78 -16.68 -22.67
C ILE A 191 5.25 -15.92 -21.43
N GLN A 192 5.68 -14.68 -21.61
CA GLN A 192 6.27 -13.91 -20.52
C GLN A 192 5.21 -13.19 -19.70
N TYR A 193 5.37 -13.22 -18.38
CA TYR A 193 4.43 -12.53 -17.51
C TYR A 193 5.16 -12.01 -16.27
N PHE A 194 4.62 -10.94 -15.72
CA PHE A 194 5.04 -10.42 -14.41
C PHE A 194 3.84 -10.54 -13.50
N SER A 195 3.87 -11.56 -12.65
CA SER A 195 2.82 -11.74 -11.66
C SER A 195 2.97 -10.68 -10.57
N MET A 196 1.99 -10.63 -9.67
CA MET A 196 2.10 -9.74 -8.51
C MET A 196 3.38 -10.04 -7.71
N ARG A 197 3.75 -11.33 -7.63
CA ARG A 197 4.98 -11.72 -6.95
C ARG A 197 6.20 -11.11 -7.64
N ASP A 198 6.23 -11.11 -8.98
CA ASP A 198 7.34 -10.50 -9.70
C ASP A 198 7.39 -9.00 -9.44
N ILE A 199 6.22 -8.35 -9.40
CA ILE A 199 6.18 -6.92 -9.08
C ILE A 199 6.69 -6.68 -7.67
N ASP A 200 6.26 -7.52 -6.71
CA ASP A 200 6.79 -7.46 -5.34
C ASP A 200 8.32 -7.51 -5.33
N ARG A 201 8.91 -8.35 -6.19
CA ARG A 201 10.37 -8.52 -6.19
C ARG A 201 11.05 -7.41 -6.98
N LEU A 202 10.61 -7.18 -8.21
CA LEU A 202 11.34 -6.28 -9.10
C LEU A 202 10.96 -4.82 -8.88
N GLY A 203 9.73 -4.57 -8.44
CA GLY A 203 9.23 -3.21 -8.52
C GLY A 203 8.74 -2.87 -9.91
N ILE A 204 7.73 -1.99 -9.96
CA ILE A 204 7.00 -1.76 -11.20
C ILE A 204 7.86 -1.04 -12.25
N GLN A 205 8.89 -0.29 -11.82
CA GLN A 205 9.74 0.36 -12.81
C GLN A 205 10.49 -0.68 -13.64
N LYS A 206 11.14 -1.64 -12.96
CA LYS A 206 11.85 -2.66 -13.70
C LYS A 206 10.90 -3.59 -14.45
N VAL A 207 9.69 -3.81 -13.92
CA VAL A 207 8.71 -4.61 -14.65
C VAL A 207 8.42 -3.98 -16.01
N MET A 208 8.20 -2.65 -16.02
CA MET A 208 7.92 -1.98 -17.29
C MET A 208 9.15 -1.96 -18.19
N GLU A 209 10.34 -1.74 -17.62
CA GLU A 209 11.55 -1.77 -18.42
C GLU A 209 11.69 -3.12 -19.10
N ARG A 210 11.49 -4.20 -18.36
CA ARG A 210 11.67 -5.53 -18.94
C ARG A 210 10.54 -5.87 -19.89
N THR A 211 9.34 -5.33 -19.65
CA THR A 211 8.25 -5.56 -20.58
C THR A 211 8.57 -4.96 -21.95
N PHE A 212 9.01 -3.70 -21.98
CA PHE A 212 9.30 -3.09 -23.26
C PHE A 212 10.55 -3.69 -23.90
N ASP A 213 11.49 -4.16 -23.09
CA ASP A 213 12.63 -4.84 -23.69
CA ASP A 213 12.65 -4.87 -23.65
C ASP A 213 12.19 -6.07 -24.46
N LEU A 214 11.27 -6.86 -23.91
CA LEU A 214 10.79 -8.06 -24.60
C LEU A 214 10.01 -7.72 -25.87
N LEU A 215 9.22 -6.66 -25.85
CA LEU A 215 8.29 -6.40 -26.94
C LEU A 215 8.89 -5.49 -28.01
N ILE A 216 9.52 -4.39 -27.59
CA ILE A 216 10.01 -3.38 -28.52
C ILE A 216 11.51 -3.15 -28.37
N GLY A 217 12.22 -4.08 -27.73
CA GLY A 217 13.65 -3.90 -27.57
C GLY A 217 14.42 -4.02 -28.88
N LYS A 218 13.89 -4.75 -29.86
CA LYS A 218 14.57 -4.88 -31.14
C LYS A 218 14.07 -3.89 -32.17
N ARG A 219 12.77 -3.57 -32.17
CA ARG A 219 12.21 -2.64 -33.13
C ARG A 219 11.00 -1.96 -32.52
N GLN A 220 10.69 -0.78 -33.05
CA GLN A 220 9.45 -0.10 -32.70
C GLN A 220 8.25 -0.87 -33.23
N ARG A 221 7.20 -0.97 -32.40
CA ARG A 221 5.97 -1.68 -32.75
C ARG A 221 4.77 -0.98 -32.14
N PRO A 222 3.63 -0.95 -32.82
CA PRO A 222 2.44 -0.38 -32.20
C PRO A 222 2.03 -1.23 -31.01
N ILE A 223 1.60 -0.57 -29.94
CA ILE A 223 1.28 -1.24 -28.69
C ILE A 223 -0.23 -1.29 -28.52
N HIS A 224 -0.73 -2.49 -28.22
CA HIS A 224 -2.11 -2.69 -27.77
C HIS A 224 -2.12 -2.95 -26.27
N LEU A 225 -2.70 -2.01 -25.50
CA LEU A 225 -2.81 -2.15 -24.05
C LEU A 225 -4.21 -2.66 -23.74
N SER A 226 -4.31 -3.89 -23.23
CA SER A 226 -5.61 -4.46 -22.86
C SER A 226 -5.67 -4.49 -21.34
N PHE A 227 -6.46 -3.60 -20.75
CA PHE A 227 -6.41 -3.35 -19.31
C PHE A 227 -7.71 -3.81 -18.67
N ASP A 228 -7.63 -4.89 -17.90
CA ASP A 228 -8.74 -5.37 -17.09
C ASP A 228 -8.71 -4.61 -15.77
N ILE A 229 -9.81 -3.91 -15.45
CA ILE A 229 -9.82 -3.11 -14.23
C ILE A 229 -9.53 -3.96 -12.99
N ASP A 230 -9.81 -5.27 -13.03
CA ASP A 230 -9.54 -6.12 -11.87
C ASP A 230 -8.06 -6.40 -11.65
N ALA A 231 -7.16 -5.87 -12.48
CA ALA A 231 -5.74 -5.89 -12.13
C ALA A 231 -5.51 -5.12 -10.84
N PHE A 232 -6.26 -4.03 -10.64
CA PHE A 232 -6.16 -3.24 -9.42
C PHE A 232 -6.70 -4.02 -8.23
N ASP A 233 -6.15 -3.74 -7.06
CA ASP A 233 -6.68 -4.32 -5.83
C ASP A 233 -8.19 -4.05 -5.71
N PRO A 234 -8.95 -5.01 -5.22
CA PRO A 234 -10.40 -4.80 -5.04
C PRO A 234 -10.76 -3.60 -4.18
N THR A 235 -9.90 -3.20 -3.23
CA THR A 235 -10.18 -1.98 -2.47
C THR A 235 -10.27 -0.77 -3.38
N LEU A 236 -9.53 -0.77 -4.50
CA LEU A 236 -9.54 0.35 -5.43
C LEU A 236 -10.56 0.19 -6.56
N ALA A 237 -10.81 -1.04 -7.03
CA ALA A 237 -11.74 -1.29 -8.12
C ALA A 237 -12.73 -2.36 -7.69
N PRO A 238 -13.64 -2.04 -6.76
CA PRO A 238 -14.59 -3.06 -6.28
C PRO A 238 -15.64 -3.45 -7.32
N ALA A 239 -15.96 -2.60 -8.28
CA ALA A 239 -17.11 -2.84 -9.16
C ALA A 239 -16.65 -3.64 -10.38
N THR A 240 -16.42 -4.93 -10.16
CA THR A 240 -15.91 -5.81 -11.21
C THR A 240 -16.24 -7.25 -10.85
N GLY A 241 -16.29 -8.10 -11.88
CA GLY A 241 -16.91 -9.41 -11.72
C GLY A 241 -16.09 -10.44 -10.96
N THR A 242 -14.75 -10.41 -11.10
CA THR A 242 -13.88 -11.40 -10.46
CA THR A 242 -13.89 -11.41 -10.47
C THR A 242 -12.76 -10.72 -9.69
N PRO A 243 -13.09 -10.04 -8.59
CA PRO A 243 -12.03 -9.35 -7.82
C PRO A 243 -11.12 -10.35 -7.11
N VAL A 244 -9.83 -10.02 -7.04
CA VAL A 244 -8.84 -10.87 -6.40
C VAL A 244 -7.96 -10.01 -5.50
N VAL A 245 -7.92 -10.35 -4.21
CA VAL A 245 -7.13 -9.60 -3.24
C VAL A 245 -5.66 -9.57 -3.66
N GLY A 246 -4.97 -8.49 -3.28
CA GLY A 246 -3.53 -8.39 -3.46
C GLY A 246 -3.11 -7.88 -4.83
N GLY A 247 -3.80 -6.89 -5.39
CA GLY A 247 -3.55 -6.42 -6.73
C GLY A 247 -2.69 -5.16 -6.80
N LEU A 248 -2.69 -4.55 -7.98
CA LEU A 248 -1.95 -3.31 -8.20
C LEU A 248 -2.43 -2.22 -7.26
N THR A 249 -1.49 -1.43 -6.73
CA THR A 249 -1.87 -0.18 -6.11
C THR A 249 -2.25 0.83 -7.19
N TYR A 250 -2.93 1.91 -6.75
CA TYR A 250 -3.22 3.03 -7.64
C TYR A 250 -1.95 3.55 -8.31
N ARG A 251 -0.90 3.77 -7.51
CA ARG A 251 0.34 4.30 -8.06
C ARG A 251 0.93 3.35 -9.09
N GLU A 252 0.90 2.05 -8.81
CA GLU A 252 1.43 1.10 -9.78
C GLU A 252 0.64 1.14 -11.09
N GLY A 253 -0.69 1.21 -11.00
CA GLY A 253 -1.49 1.35 -12.20
C GLY A 253 -1.14 2.59 -12.99
N MET A 254 -1.04 3.75 -12.33
CA MET A 254 -0.66 4.97 -13.03
C MET A 254 0.72 4.83 -13.66
N TYR A 255 1.64 4.17 -12.96
CA TYR A 255 2.98 4.04 -13.49
C TYR A 255 2.99 3.22 -14.77
N ILE A 256 2.25 2.12 -14.80
CA ILE A 256 2.13 1.32 -16.02
C ILE A 256 1.61 2.18 -17.17
N ALA A 257 0.50 2.89 -16.94
CA ALA A 257 -0.07 3.72 -18.00
C ALA A 257 0.93 4.78 -18.47
N GLU A 258 1.60 5.43 -17.50
CA GLU A 258 2.58 6.46 -17.82
C GLU A 258 3.70 5.92 -18.72
N GLU A 259 4.22 4.73 -18.39
CA GLU A 259 5.26 4.13 -19.24
C GLU A 259 4.70 3.73 -20.60
N ILE A 260 3.44 3.28 -20.64
CA ILE A 260 2.82 3.02 -21.94
C ILE A 260 2.81 4.31 -22.78
N HIS A 261 2.38 5.42 -22.17
CA HIS A 261 2.39 6.68 -22.90
C HIS A 261 3.81 7.06 -23.34
N ASN A 262 4.78 6.87 -22.45
CA ASN A 262 6.14 7.34 -22.71
C ASN A 262 6.80 6.61 -23.89
N THR A 263 6.37 5.39 -24.21
CA THR A 263 6.91 4.74 -25.42
C THR A 263 6.57 5.51 -26.70
N GLY A 264 5.52 6.33 -26.67
CA GLY A 264 5.02 6.94 -27.90
C GLY A 264 4.35 6.00 -28.88
N LEU A 265 4.16 4.72 -28.53
CA LEU A 265 3.68 3.71 -29.48
C LEU A 265 2.26 3.23 -29.21
N LEU A 266 1.56 3.78 -28.22
CA LEU A 266 0.23 3.29 -27.92
C LEU A 266 -0.68 3.50 -29.12
N SER A 267 -1.27 2.43 -29.60
CA SER A 267 -2.11 2.49 -30.78
C SER A 267 -3.55 2.08 -30.50
N ALA A 268 -3.80 1.28 -29.47
CA ALA A 268 -5.15 0.95 -29.05
C ALA A 268 -5.12 0.52 -27.59
N LEU A 269 -6.23 0.74 -26.91
CA LEU A 269 -6.35 0.44 -25.50
C LEU A 269 -7.74 -0.11 -25.23
N ASP A 270 -7.82 -1.20 -24.46
CA ASP A 270 -9.10 -1.68 -23.94
C ASP A 270 -9.16 -1.39 -22.44
N LEU A 271 -10.31 -0.90 -21.97
CA LEU A 271 -10.57 -0.75 -20.54
C LEU A 271 -11.82 -1.58 -20.27
N VAL A 272 -11.67 -2.76 -19.69
CA VAL A 272 -12.74 -3.75 -19.65
C VAL A 272 -13.06 -4.14 -18.22
N GLU A 273 -14.26 -4.74 -18.06
CA GLU A 273 -14.75 -5.43 -16.86
C GLU A 273 -15.18 -4.49 -15.74
N VAL A 274 -15.40 -3.20 -16.01
CA VAL A 274 -16.10 -2.36 -15.05
C VAL A 274 -17.58 -2.72 -15.05
N ASN A 275 -18.07 -3.24 -13.94
CA ASN A 275 -19.47 -3.61 -13.79
C ASN A 275 -20.06 -2.81 -12.65
N PRO A 276 -20.73 -1.70 -12.93
CA PRO A 276 -21.19 -0.83 -11.82
C PRO A 276 -22.27 -1.46 -10.95
N GLN A 277 -23.00 -2.46 -11.45
CA GLN A 277 -24.02 -3.12 -10.63
C GLN A 277 -23.44 -3.95 -9.51
N LEU A 278 -22.15 -4.27 -9.54
CA LEU A 278 -21.55 -5.09 -8.50
C LEU A 278 -20.99 -4.24 -7.35
N ALA A 279 -21.02 -2.92 -7.49
CA ALA A 279 -20.71 -2.06 -6.37
C ALA A 279 -21.77 -2.24 -5.29
N THR A 280 -21.35 -2.27 -4.03
CA THR A 280 -22.32 -2.25 -2.95
C THR A 280 -22.85 -0.85 -2.65
N SER A 281 -22.32 0.17 -3.33
CA SER A 281 -22.72 1.54 -3.10
C SER A 281 -22.39 2.36 -4.34
N GLU A 282 -23.09 3.48 -4.49
CA GLU A 282 -22.79 4.40 -5.58
C GLU A 282 -21.35 4.90 -5.51
N GLU A 283 -20.82 5.04 -4.29
CA GLU A 283 -19.43 5.46 -4.11
C GLU A 283 -18.47 4.44 -4.71
N GLU A 284 -18.72 3.14 -4.48
CA GLU A 284 -17.84 2.11 -5.02
C GLU A 284 -17.88 2.11 -6.54
N ALA A 285 -19.08 2.34 -7.11
CA ALA A 285 -19.23 2.40 -8.56
C ALA A 285 -18.45 3.56 -9.15
N LYS A 286 -18.58 4.74 -8.55
CA LYS A 286 -17.91 5.92 -9.09
C LYS A 286 -16.41 5.84 -8.91
N THR A 287 -15.93 5.32 -7.77
CA THR A 287 -14.49 5.13 -7.59
C THR A 287 -13.91 4.24 -8.67
N THR A 288 -14.59 3.14 -9.01
CA THR A 288 -14.10 2.25 -10.06
C THR A 288 -14.10 2.94 -11.41
N ALA A 289 -15.15 3.69 -11.73
CA ALA A 289 -15.21 4.36 -13.02
C ALA A 289 -14.19 5.49 -13.11
N ASN A 290 -13.96 6.19 -11.99
CA ASN A 290 -12.96 7.25 -11.97
C ASN A 290 -11.57 6.68 -12.16
N LEU A 291 -11.33 5.51 -11.57
CA LEU A 291 -10.06 4.82 -11.75
C LEU A 291 -9.87 4.45 -13.21
N ALA A 292 -10.91 3.95 -13.86
CA ALA A 292 -10.83 3.63 -15.28
C ALA A 292 -10.45 4.87 -16.10
N VAL A 293 -11.07 6.01 -15.81
CA VAL A 293 -10.72 7.24 -16.53
C VAL A 293 -9.26 7.61 -16.27
N ASP A 294 -8.81 7.47 -15.01
CA ASP A 294 -7.40 7.75 -14.70
C ASP A 294 -6.46 6.89 -15.52
N VAL A 295 -6.77 5.59 -15.66
CA VAL A 295 -5.90 4.71 -16.43
C VAL A 295 -5.84 5.18 -17.88
N ILE A 296 -7.00 5.47 -18.47
CA ILE A 296 -7.04 5.87 -19.87
C ILE A 296 -6.33 7.19 -20.07
N ALA A 297 -6.62 8.18 -19.22
CA ALA A 297 -5.99 9.49 -19.36
C ALA A 297 -4.48 9.40 -19.19
N SER A 298 -4.01 8.64 -18.21
CA SER A 298 -2.56 8.50 -18.04
CA SER A 298 -2.56 8.51 -18.04
C SER A 298 -1.92 7.83 -19.24
N SER A 299 -2.63 6.86 -19.85
CA SER A 299 -2.09 6.16 -21.02
C SER A 299 -1.95 7.10 -22.22
N PHE A 300 -2.62 8.26 -22.20
CA PHE A 300 -2.52 9.22 -23.29
C PHE A 300 -1.88 10.52 -22.85
N GLY A 301 -1.17 10.51 -21.73
CA GLY A 301 -0.27 11.62 -21.41
C GLY A 301 -0.50 12.33 -20.10
N GLN A 302 -1.56 12.05 -19.36
CA GLN A 302 -1.69 12.70 -18.06
C GLN A 302 -0.55 12.24 -17.15
N THR A 303 0.10 13.21 -16.51
CA THR A 303 1.21 12.98 -15.60
C THR A 303 0.81 13.34 -14.19
N ARG A 304 1.60 12.87 -13.25
CA ARG A 304 1.41 13.32 -11.88
C ARG A 304 2.18 14.60 -11.55
N GLU A 305 3.12 15.03 -12.39
CA GLU A 305 3.87 16.24 -12.09
C GLU A 305 3.44 17.45 -12.91
N GLY A 306 2.41 17.33 -13.74
CA GLY A 306 1.90 18.50 -14.46
C GLY A 306 2.71 18.96 -15.67
N HIS B 1 16.99 19.43 24.92
CA HIS B 1 16.35 19.66 23.63
C HIS B 1 14.97 20.26 23.83
N SER B 2 14.76 21.43 23.24
CA SER B 2 13.58 22.24 23.51
C SER B 2 12.75 22.41 22.26
N VAL B 3 11.43 22.29 22.43
CA VAL B 3 10.49 22.41 21.32
C VAL B 3 9.43 23.43 21.71
N ALA B 4 9.20 24.39 20.82
CA ALA B 4 8.10 25.32 20.98
C ALA B 4 6.96 24.86 20.09
N VAL B 5 5.74 24.91 20.62
CA VAL B 5 4.56 24.56 19.85
C VAL B 5 3.70 25.81 19.70
N ILE B 6 3.40 26.16 18.46
CA ILE B 6 2.65 27.37 18.15
C ILE B 6 1.41 26.96 17.38
N GLY B 7 0.24 27.30 17.91
CA GLY B 7 -0.99 27.11 17.16
C GLY B 7 -1.21 28.30 16.26
N ALA B 8 -1.38 28.05 14.97
CA ALA B 8 -1.61 29.11 13.98
C ALA B 8 -2.95 28.87 13.29
N PRO B 9 -4.06 29.20 13.95
CA PRO B 9 -5.38 28.78 13.41
C PRO B 9 -5.84 29.69 12.28
N PHE B 10 -5.15 29.63 11.13
CA PHE B 10 -5.48 30.50 10.04
C PHE B 10 -6.20 29.75 8.92
N SER B 11 -7.20 30.42 8.34
CA SER B 11 -8.02 29.86 7.29
C SER B 11 -8.14 30.77 6.08
N GLN B 12 -7.63 32.00 6.16
CA GLN B 12 -7.85 32.94 5.08
C GLN B 12 -6.89 32.78 3.91
N GLY B 13 -5.95 31.83 3.97
CA GLY B 13 -5.23 31.40 2.79
C GLY B 13 -6.05 30.59 1.79
N GLN B 14 -7.30 30.26 2.12
CA GLN B 14 -8.14 29.48 1.22
C GLN B 14 -9.58 29.77 1.60
N LYS B 15 -10.52 29.04 1.00
CA LYS B 15 -11.93 29.40 1.09
C LYS B 15 -12.78 28.42 1.90
N ARG B 16 -12.25 27.25 2.28
CA ARG B 16 -13.05 26.24 2.97
C ARG B 16 -12.97 26.47 4.47
N LYS B 17 -14.12 26.43 5.13
CA LYS B 17 -14.19 26.68 6.56
C LYS B 17 -13.71 25.46 7.34
N GLY B 18 -13.02 25.71 8.46
CA GLY B 18 -12.74 24.71 9.45
C GLY B 18 -11.27 24.40 9.66
N VAL B 19 -10.40 24.74 8.71
CA VAL B 19 -8.97 24.46 8.92
C VAL B 19 -8.41 25.21 10.11
N GLU B 20 -9.07 26.31 10.54
CA GLU B 20 -8.65 27.00 11.76
C GLU B 20 -8.80 26.13 13.01
N HIS B 21 -9.53 25.01 12.95
CA HIS B 21 -9.61 24.10 14.10
C HIS B 21 -8.56 23.01 14.04
N GLY B 22 -7.71 23.01 13.03
CA GLY B 22 -6.58 22.10 12.94
C GLY B 22 -5.72 22.01 14.19
N PRO B 23 -5.25 23.16 14.73
CA PRO B 23 -4.37 23.08 15.91
C PRO B 23 -5.03 22.39 17.09
N ALA B 24 -6.31 22.70 17.36
CA ALA B 24 -6.99 22.07 18.49
C ALA B 24 -7.14 20.57 18.25
N ALA B 25 -7.50 20.18 17.02
CA ALA B 25 -7.60 18.74 16.73
C ALA B 25 -6.28 18.02 16.98
N ILE B 26 -5.18 18.64 16.56
CA ILE B 26 -3.89 17.99 16.75
C ILE B 26 -3.54 17.91 18.22
N ARG B 27 -3.76 19.01 18.97
CA ARG B 27 -3.54 18.96 20.41
C ARG B 27 -4.40 17.86 21.06
N GLU B 28 -5.68 17.81 20.71
CA GLU B 28 -6.55 16.83 21.35
C GLU B 28 -6.13 15.40 20.99
N ALA B 29 -5.48 15.21 19.83
CA ALA B 29 -4.90 13.90 19.53
C ALA B 29 -3.65 13.57 20.41
N GLY B 30 -3.27 14.33 21.44
CA GLY B 30 -2.20 13.89 22.32
C GLY B 30 -0.80 14.37 21.97
N LEU B 31 -0.67 15.42 21.15
CA LEU B 31 0.65 15.90 20.72
C LEU B 31 1.60 16.17 21.89
N MET B 32 1.14 16.96 22.88
CA MET B 32 2.07 17.42 23.91
C MET B 32 2.64 16.26 24.72
N LYS B 33 1.80 15.28 25.09
CA LYS B 33 2.33 14.13 25.83
C LYS B 33 3.27 13.29 24.98
N ARG B 34 2.96 13.14 23.68
CA ARG B 34 3.88 12.42 22.80
C ARG B 34 5.25 13.10 22.77
N LEU B 35 5.27 14.43 22.66
CA LEU B 35 6.56 15.13 22.59
C LEU B 35 7.32 15.04 23.90
N SER B 36 6.64 15.24 25.04
CA SER B 36 7.30 15.10 26.34
CA SER B 36 7.30 15.10 26.34
C SER B 36 7.93 13.72 26.49
N SER B 37 7.19 12.67 26.09
CA SER B 37 7.67 11.28 26.25
C SER B 37 8.99 11.04 25.53
N LEU B 38 9.22 11.72 24.42
CA LEU B 38 10.49 11.62 23.73
C LEU B 38 11.60 12.38 24.44
N GLY B 39 11.27 13.10 25.51
CA GLY B 39 12.24 13.91 26.23
C GLY B 39 12.29 15.36 25.80
N CYS B 40 11.39 15.81 24.94
CA CYS B 40 11.39 17.22 24.59
C CYS B 40 10.95 18.07 25.77
N HIS B 41 11.73 19.11 26.06
CA HIS B 41 11.27 20.19 26.94
C HIS B 41 10.40 21.13 26.12
N LEU B 42 9.18 21.34 26.56
CA LEU B 42 8.15 21.98 25.74
C LEU B 42 7.82 23.37 26.24
N LYS B 43 7.62 24.30 25.30
CA LYS B 43 6.95 25.56 25.59
C LYS B 43 5.76 25.69 24.63
N ASP B 44 4.57 25.77 25.19
CA ASP B 44 3.35 25.88 24.41
C ASP B 44 2.97 27.35 24.35
N PHE B 45 3.04 27.93 23.15
CA PHE B 45 2.63 29.31 22.97
C PHE B 45 1.12 29.47 22.87
N GLY B 46 0.36 28.38 22.93
CA GLY B 46 -1.06 28.43 22.69
C GLY B 46 -1.35 28.64 21.21
N ASP B 47 -2.63 28.93 20.94
CA ASP B 47 -3.10 29.35 19.62
C ASP B 47 -3.01 30.86 19.52
N LEU B 48 -2.24 31.35 18.55
CA LEU B 48 -2.16 32.78 18.36
C LEU B 48 -3.51 33.35 17.94
N SER B 49 -3.74 34.61 18.28
CA SER B 49 -4.88 35.38 17.78
C SER B 49 -4.33 36.42 16.84
N PHE B 50 -4.66 36.33 15.56
CA PHE B 50 -4.08 37.21 14.57
C PHE B 50 -4.93 38.48 14.43
N THR B 51 -4.26 39.61 14.30
CA THR B 51 -4.95 40.88 14.13
C THR B 51 -5.67 40.94 12.79
N PRO B 52 -6.98 41.14 12.76
CA PRO B 52 -7.69 41.25 11.48
C PRO B 52 -7.40 42.58 10.82
N VAL B 53 -7.71 42.67 9.53
CA VAL B 53 -7.53 43.88 8.76
C VAL B 53 -8.87 44.29 8.18
N PRO B 54 -9.37 45.49 8.45
CA PRO B 54 -10.68 45.90 7.93
C PRO B 54 -10.59 46.10 6.42
N LYS B 55 -11.69 45.81 5.73
CA LYS B 55 -11.84 46.14 4.31
C LYS B 55 -10.74 45.47 3.49
N ASP B 56 -10.47 44.21 3.78
CA ASP B 56 -9.40 43.48 3.12
C ASP B 56 -9.91 42.97 1.76
N ASP B 57 -10.14 43.92 0.86
CA ASP B 57 -10.69 43.64 -0.47
C ASP B 57 -9.75 42.77 -1.27
N LEU B 58 -10.33 42.05 -2.23
CA LEU B 58 -9.58 41.26 -3.18
C LEU B 58 -8.48 42.10 -3.81
N TYR B 59 -7.31 41.49 -3.98
CA TYR B 59 -6.25 42.10 -4.77
C TYR B 59 -6.44 41.69 -6.24
N ASN B 60 -6.49 42.69 -7.13
CA ASN B 60 -6.60 42.43 -8.57
C ASN B 60 -7.83 41.60 -8.92
N ASN B 61 -8.92 41.80 -8.16
CA ASN B 61 -10.17 41.05 -8.36
C ASN B 61 -9.94 39.54 -8.36
N LEU B 62 -8.93 39.06 -7.61
CA LEU B 62 -8.64 37.63 -7.60
C LEU B 62 -8.04 37.09 -6.29
N ILE B 63 -6.98 37.71 -5.77
CA ILE B 63 -6.28 37.18 -4.59
C ILE B 63 -7.09 37.54 -3.36
N VAL B 64 -7.48 36.51 -2.58
CA VAL B 64 -8.39 36.68 -1.45
C VAL B 64 -7.62 36.98 -0.16
N ASN B 65 -8.17 37.87 0.66
CA ASN B 65 -7.63 38.19 1.98
C ASN B 65 -6.14 38.51 2.00
N PRO B 66 -5.64 39.33 1.06
CA PRO B 66 -4.18 39.54 1.02
C PRO B 66 -3.62 40.22 2.27
N ARG B 67 -4.28 41.26 2.77
CA ARG B 67 -3.74 41.98 3.93
C ARG B 67 -3.81 41.12 5.20
N SER B 68 -4.90 40.37 5.37
CA SER B 68 -5.01 39.51 6.56
C SER B 68 -3.96 38.41 6.55
N VAL B 69 -3.75 37.79 5.39
CA VAL B 69 -2.71 36.77 5.29
C VAL B 69 -1.34 37.39 5.52
N GLY B 70 -1.13 38.61 5.00
CA GLY B 70 0.14 39.27 5.19
C GLY B 70 0.39 39.64 6.64
N LEU B 71 -0.61 40.22 7.30
CA LEU B 71 -0.41 40.64 8.68
C LEU B 71 -0.29 39.43 9.62
N ALA B 72 -1.15 38.42 9.44
CA ALA B 72 -1.04 37.24 10.29
C ALA B 72 0.34 36.60 10.15
N ASN B 73 0.87 36.52 8.93
CA ASN B 73 2.18 35.94 8.75
C ASN B 73 3.28 36.82 9.32
N GLN B 74 3.12 38.16 9.24
CA GLN B 74 4.07 39.04 9.91
C GLN B 74 4.13 38.74 11.41
N GLU B 75 2.96 38.62 12.04
CA GLU B 75 2.94 38.37 13.48
C GLU B 75 3.49 36.98 13.79
N LEU B 76 3.15 35.99 12.97
CA LEU B 76 3.67 34.65 13.18
C LEU B 76 5.20 34.61 13.01
N ALA B 77 5.72 35.28 11.99
CA ALA B 77 7.17 35.33 11.77
C ALA B 77 7.89 35.83 13.01
N GLU B 78 7.31 36.83 13.68
CA GLU B 78 7.91 37.39 14.88
C GLU B 78 7.97 36.37 16.00
N VAL B 79 6.87 35.64 16.21
CA VAL B 79 6.87 34.57 17.22
C VAL B 79 7.90 33.50 16.86
N VAL B 80 7.93 33.04 15.61
CA VAL B 80 8.87 32.00 15.23
C VAL B 80 10.31 32.48 15.42
N SER B 81 10.62 33.66 14.89
CA SER B 81 11.95 34.25 15.07
C SER B 81 12.35 34.29 16.54
N ARG B 82 11.47 34.84 17.39
CA ARG B 82 11.75 34.89 18.82
C ARG B 82 12.02 33.49 19.36
N ALA B 83 11.17 32.51 19.01
CA ALA B 83 11.32 31.16 19.56
C ALA B 83 12.63 30.50 19.12
N VAL B 84 13.01 30.67 17.86
CA VAL B 84 14.26 30.08 17.39
C VAL B 84 15.44 30.72 18.13
N SER B 85 15.38 32.04 18.31
CA SER B 85 16.48 32.75 18.98
C SER B 85 16.64 32.28 20.43
N ASP B 86 15.57 31.90 21.11
CA ASP B 86 15.70 31.32 22.44
C ASP B 86 15.95 29.84 22.42
N GLY B 87 16.31 29.27 21.27
CA GLY B 87 16.83 27.92 21.23
C GLY B 87 15.80 26.82 21.04
N TYR B 88 14.57 27.16 20.68
CA TYR B 88 13.55 26.14 20.44
C TYR B 88 13.56 25.71 18.98
N SER B 89 13.45 24.40 18.74
CA SER B 89 12.87 23.94 17.48
C SER B 89 11.38 24.28 17.48
N CYS B 90 10.87 24.80 16.36
CA CYS B 90 9.54 25.40 16.29
CA CYS B 90 9.56 25.40 16.28
C CYS B 90 8.57 24.50 15.55
N VAL B 91 7.58 23.98 16.27
CA VAL B 91 6.45 23.25 15.67
C VAL B 91 5.29 24.24 15.52
N THR B 92 4.86 24.48 14.29
CA THR B 92 3.68 25.32 14.05
C THR B 92 2.55 24.45 13.51
N LEU B 93 1.40 24.53 14.18
CA LEU B 93 0.22 23.77 13.80
C LEU B 93 -0.72 24.68 13.02
N GLY B 94 -1.08 24.28 11.80
CA GLY B 94 -2.05 25.00 11.01
C GLY B 94 -3.44 24.39 11.16
N GLY B 95 -4.42 25.04 10.53
CA GLY B 95 -4.21 26.21 9.69
C GLY B 95 -3.83 25.88 8.26
N ASP B 96 -4.09 26.80 7.32
CA ASP B 96 -3.78 26.52 5.94
C ASP B 96 -2.32 26.84 5.65
N HIS B 97 -1.81 26.36 4.50
CA HIS B 97 -0.37 26.42 4.23
C HIS B 97 0.15 27.83 3.94
N SER B 98 -0.70 28.86 3.85
CA SER B 98 -0.14 30.20 3.69
C SER B 98 0.68 30.61 4.91
N LEU B 99 0.56 29.89 6.03
CA LEU B 99 1.33 30.20 7.22
C LEU B 99 2.81 29.94 7.03
N ALA B 100 3.19 29.11 6.06
CA ALA B 100 4.60 28.90 5.81
C ALA B 100 5.30 30.19 5.39
N ILE B 101 4.57 31.16 4.84
CA ILE B 101 5.18 32.45 4.58
C ILE B 101 5.76 33.03 5.85
N GLY B 102 4.96 33.00 6.93
CA GLY B 102 5.40 33.47 8.23
C GLY B 102 6.43 32.59 8.92
N THR B 103 6.21 31.27 9.00
CA THR B 103 7.19 30.46 9.74
C THR B 103 8.54 30.47 9.04
N ILE B 104 8.56 30.38 7.70
CA ILE B 104 9.86 30.37 7.02
C ILE B 104 10.52 31.75 7.09
N SER B 105 9.76 32.83 6.92
CA SER B 105 10.34 34.16 7.06
C SER B 105 10.92 34.36 8.46
N GLY B 106 10.16 34.00 9.49
CA GLY B 106 10.68 34.12 10.85
C GLY B 106 11.88 33.23 11.09
N HIS B 107 11.81 31.99 10.60
CA HIS B 107 12.93 31.05 10.71
C HIS B 107 14.18 31.60 10.03
N ALA B 108 14.01 32.16 8.83
CA ALA B 108 15.15 32.62 8.03
C ALA B 108 15.74 33.92 8.55
N ARG B 109 15.01 34.62 9.42
CA ARG B 109 15.46 35.92 9.91
C ARG B 109 16.87 35.84 10.47
N HIS B 110 17.15 34.84 11.31
CA HIS B 110 18.50 34.65 11.84
C HIS B 110 19.11 33.30 11.50
N CYS B 111 18.46 32.53 10.63
CA CYS B 111 19.05 31.33 10.04
C CYS B 111 18.93 31.42 8.53
N PRO B 112 19.58 32.42 7.91
CA PRO B 112 19.36 32.64 6.48
C PRO B 112 19.88 31.52 5.59
N ASP B 113 20.69 30.60 6.11
CA ASP B 113 21.16 29.46 5.33
C ASP B 113 20.29 28.22 5.55
N LEU B 114 19.08 28.38 6.09
CA LEU B 114 18.21 27.24 6.30
C LEU B 114 17.85 26.61 4.96
N CYS B 115 17.44 25.34 5.01
CA CYS B 115 16.92 24.67 3.83
C CYS B 115 15.53 24.13 4.15
N VAL B 116 14.78 23.81 3.10
CA VAL B 116 13.37 23.52 3.21
C VAL B 116 13.06 22.18 2.56
N VAL B 117 12.42 21.29 3.31
CA VAL B 117 11.84 20.08 2.77
C VAL B 117 10.32 20.27 2.82
N TRP B 118 9.72 20.34 1.64
CA TRP B 118 8.31 20.68 1.47
C TRP B 118 7.59 19.38 1.07
N VAL B 119 6.84 18.79 2.00
CA VAL B 119 6.16 17.51 1.79
C VAL B 119 4.68 17.80 1.56
N ASP B 120 4.19 17.43 0.37
CA ASP B 120 2.95 18.02 -0.13
C ASP B 120 2.56 17.29 -1.40
N ALA B 121 1.25 17.17 -1.63
CA ALA B 121 0.79 16.76 -2.95
C ALA B 121 0.98 17.87 -3.99
N HIS B 122 1.12 19.13 -3.54
CA HIS B 122 1.13 20.31 -4.39
C HIS B 122 2.44 21.08 -4.23
N ALA B 123 2.75 21.89 -5.24
CA ALA B 123 3.98 22.66 -5.20
C ALA B 123 3.81 24.00 -4.49
N ASP B 124 2.58 24.47 -4.34
CA ASP B 124 2.29 25.70 -3.59
C ASP B 124 3.15 26.87 -4.09
N ILE B 125 3.42 26.91 -5.39
CA ILE B 125 4.41 27.84 -5.92
C ILE B 125 3.82 28.70 -7.04
N ASN B 126 2.50 28.75 -7.16
CA ASN B 126 1.90 29.77 -8.02
C ASN B 126 2.28 31.15 -7.51
N THR B 127 2.37 32.09 -8.42
CA THR B 127 2.52 33.50 -8.06
C THR B 127 1.17 34.18 -8.18
N PRO B 128 1.04 35.42 -7.72
CA PRO B 128 -0.23 36.13 -7.94
C PRO B 128 -0.60 36.24 -9.40
N LEU B 129 0.35 36.08 -10.31
CA LEU B 129 0.09 36.16 -11.74
C LEU B 129 -0.23 34.80 -12.38
N THR B 130 0.01 33.68 -11.68
CA THR B 130 -0.29 32.38 -12.25
C THR B 130 -1.40 31.62 -11.53
N THR B 131 -1.70 31.99 -10.28
CA THR B 131 -2.73 31.27 -9.54
C THR B 131 -4.04 31.36 -10.30
N SER B 132 -4.73 30.23 -10.42
CA SER B 132 -6.06 30.23 -11.01
C SER B 132 -7.15 30.20 -9.96
N SER B 133 -6.78 30.16 -8.68
CA SER B 133 -7.73 30.12 -7.58
C SER B 133 -7.80 31.42 -6.81
N GLY B 134 -6.70 32.17 -6.73
CA GLY B 134 -6.64 33.33 -5.86
C GLY B 134 -6.33 33.03 -4.40
N ASN B 135 -6.13 31.77 -4.04
CA ASN B 135 -5.95 31.35 -2.66
C ASN B 135 -4.46 31.33 -2.31
N LEU B 136 -4.09 32.11 -1.30
CA LEU B 136 -2.67 32.28 -1.01
C LEU B 136 -2.02 31.02 -0.47
N HIS B 137 -2.80 30.03 0.01
CA HIS B 137 -2.14 28.79 0.46
C HIS B 137 -1.56 27.99 -0.71
N GLY B 138 -1.87 28.37 -1.93
CA GLY B 138 -1.29 27.75 -3.11
C GLY B 138 -0.18 28.57 -3.73
N GLN B 139 0.20 29.68 -3.10
CA GLN B 139 1.29 30.55 -3.54
C GLN B 139 2.46 30.76 -2.58
N PRO B 140 2.53 30.12 -1.39
CA PRO B 140 3.49 30.62 -0.37
C PRO B 140 4.94 30.58 -0.83
N VAL B 141 5.33 29.57 -1.61
CA VAL B 141 6.73 29.43 -1.99
C VAL B 141 7.15 30.57 -2.91
N SER B 142 6.22 31.11 -3.70
CA SER B 142 6.61 32.16 -4.66
C SER B 142 7.13 33.40 -3.94
N PHE B 143 6.65 33.67 -2.72
CA PHE B 143 7.09 34.83 -1.95
C PHE B 143 8.43 34.63 -1.28
N LEU B 144 8.87 33.38 -1.12
CA LEU B 144 10.07 33.07 -0.38
C LEU B 144 11.32 32.90 -1.23
N LEU B 145 11.18 32.61 -2.52
CA LEU B 145 12.32 32.26 -3.36
C LEU B 145 12.90 33.50 -4.03
N ARG B 146 14.19 33.75 -3.77
CA ARG B 146 14.85 34.95 -4.29
C ARG B 146 14.79 35.03 -5.81
N GLU B 147 14.98 33.91 -6.52
CA GLU B 147 15.08 33.95 -7.98
C GLU B 147 13.77 34.36 -8.64
N LEU B 148 12.65 34.30 -7.93
CA LEU B 148 11.34 34.54 -8.54
C LEU B 148 10.84 35.96 -8.39
N GLN B 149 11.56 36.83 -7.68
CA GLN B 149 10.95 38.07 -7.18
CA GLN B 149 10.91 38.05 -7.20
C GLN B 149 10.65 39.07 -8.30
N ASP B 150 11.41 39.04 -9.40
CA ASP B 150 11.07 39.91 -10.53
CA ASP B 150 11.06 39.93 -10.51
C ASP B 150 9.71 39.57 -11.12
N LYS B 151 9.21 38.36 -10.88
CA LYS B 151 7.94 37.89 -11.43
C LYS B 151 6.83 37.84 -10.39
N VAL B 152 7.07 38.35 -9.19
CA VAL B 152 6.07 38.34 -8.12
C VAL B 152 5.73 39.78 -7.78
N PRO B 153 4.51 40.24 -8.08
CA PRO B 153 4.15 41.62 -7.74
C PRO B 153 3.97 41.76 -6.24
N GLN B 154 3.91 43.02 -5.80
CA GLN B 154 3.81 43.32 -4.38
C GLN B 154 2.34 43.41 -3.98
N LEU B 155 1.91 42.53 -3.07
CA LEU B 155 0.56 42.47 -2.56
C LEU B 155 0.39 43.40 -1.37
N PRO B 156 -0.80 43.96 -1.18
CA PRO B 156 -1.02 44.78 0.02
C PRO B 156 -0.87 43.89 1.26
N GLY B 157 -0.13 44.39 2.23
CA GLY B 157 0.21 43.66 3.43
C GLY B 157 1.42 42.77 3.34
N PHE B 158 2.10 42.74 2.20
CA PHE B 158 3.24 41.86 1.98
C PHE B 158 4.59 42.57 1.93
N SER B 159 4.64 43.87 2.18
CA SER B 159 5.88 44.61 1.93
C SER B 159 6.99 44.21 2.90
N TRP B 160 6.64 43.73 4.10
CA TRP B 160 7.63 43.28 5.06
C TRP B 160 8.39 42.04 4.60
N ILE B 161 7.87 41.31 3.62
CA ILE B 161 8.46 40.03 3.23
C ILE B 161 9.68 40.25 2.33
N LYS B 162 10.83 39.77 2.79
CA LYS B 162 12.03 39.73 1.95
C LYS B 162 12.30 38.30 1.53
N PRO B 163 12.18 37.97 0.25
CA PRO B 163 12.60 36.64 -0.23
C PRO B 163 14.01 36.32 0.25
N CYS B 164 14.13 35.20 0.96
CA CYS B 164 15.37 34.85 1.62
C CYS B 164 16.10 33.69 1.00
N ILE B 165 15.37 32.68 0.54
CA ILE B 165 15.91 31.37 0.25
C ILE B 165 16.14 31.25 -1.25
N SER B 166 17.20 30.54 -1.63
N SER B 166 17.20 30.56 -1.64
CA SER B 166 17.46 30.25 -3.03
CA SER B 166 17.41 30.30 -3.05
C SER B 166 16.67 29.03 -3.48
C SER B 166 16.65 29.06 -3.49
N SER B 167 16.37 29.00 -4.79
CA SER B 167 15.61 27.88 -5.34
C SER B 167 16.36 26.56 -5.24
N ALA B 168 17.68 26.61 -5.05
CA ALA B 168 18.44 25.39 -4.79
C ALA B 168 18.29 24.91 -3.35
N SER B 169 17.57 25.64 -2.50
CA SER B 169 17.52 25.32 -1.07
C SER B 169 16.17 24.75 -0.64
N ILE B 170 15.31 24.37 -1.59
CA ILE B 170 14.04 23.71 -1.28
C ILE B 170 13.94 22.43 -2.10
N VAL B 171 13.53 21.34 -1.47
CA VAL B 171 13.23 20.09 -2.16
C VAL B 171 11.79 19.70 -1.84
N TYR B 172 11.00 19.41 -2.87
CA TYR B 172 9.66 18.88 -2.69
C TYR B 172 9.65 17.37 -2.65
N ILE B 173 8.74 16.81 -1.83
CA ILE B 173 8.49 15.36 -1.80
C ILE B 173 6.98 15.10 -1.79
N GLY B 174 6.51 14.30 -2.75
CA GLY B 174 5.13 13.83 -2.79
C GLY B 174 4.26 14.44 -3.88
N LEU B 175 4.80 15.30 -4.73
CA LEU B 175 4.00 16.04 -5.70
C LEU B 175 3.18 15.11 -6.56
N ARG B 176 1.92 15.49 -6.80
CA ARG B 176 1.08 14.76 -7.74
C ARG B 176 -0.05 15.63 -8.29
N ASP B 177 -0.11 16.92 -7.93
CA ASP B 177 -1.20 17.78 -8.40
C ASP B 177 -0.61 19.19 -8.60
N VAL B 178 -0.02 19.39 -9.78
CA VAL B 178 0.80 20.56 -10.08
C VAL B 178 0.16 21.32 -11.25
N ASP B 179 -0.08 22.62 -11.06
CA ASP B 179 -0.62 23.42 -12.15
C ASP B 179 0.45 23.64 -13.22
N PRO B 180 0.06 23.78 -14.49
CA PRO B 180 1.05 23.94 -15.57
C PRO B 180 1.98 25.12 -15.33
N PRO B 181 1.50 26.28 -14.87
CA PRO B 181 2.48 27.35 -14.58
C PRO B 181 3.45 26.97 -13.46
N GLU B 182 3.01 26.17 -12.48
CA GLU B 182 3.94 25.74 -11.44
C GLU B 182 4.98 24.79 -11.99
N HIS B 183 4.56 23.89 -12.87
CA HIS B 183 5.51 23.00 -13.52
C HIS B 183 6.54 23.79 -14.32
N PHE B 184 6.09 24.82 -15.02
CA PHE B 184 7.03 25.69 -15.73
C PHE B 184 8.04 26.29 -14.76
N ILE B 185 7.55 26.82 -13.63
CA ILE B 185 8.43 27.45 -12.65
C ILE B 185 9.43 26.44 -12.12
N LEU B 186 8.97 25.24 -11.76
CA LEU B 186 9.90 24.24 -11.22
C LEU B 186 11.00 23.92 -12.23
N LYS B 187 10.62 23.77 -13.50
CA LYS B 187 11.62 23.47 -14.53
C LYS B 187 12.49 24.68 -14.80
N ASN B 188 11.89 25.85 -14.95
CA ASN B 188 12.64 27.01 -15.38
C ASN B 188 13.69 27.40 -14.36
N TYR B 189 13.39 27.25 -13.07
CA TYR B 189 14.37 27.60 -12.05
C TYR B 189 15.11 26.38 -11.50
N ASP B 190 14.97 25.22 -12.15
CA ASP B 190 15.69 24.01 -11.74
C ASP B 190 15.45 23.65 -10.28
N ILE B 191 14.21 23.77 -9.82
CA ILE B 191 13.88 23.39 -8.45
C ILE B 191 13.72 21.88 -8.38
N GLN B 192 14.40 21.26 -7.41
CA GLN B 192 14.41 19.81 -7.31
C GLN B 192 13.16 19.29 -6.59
N TYR B 193 12.58 18.21 -7.11
CA TYR B 193 11.42 17.63 -6.47
C TYR B 193 11.40 16.13 -6.70
N PHE B 194 10.72 15.43 -5.80
CA PHE B 194 10.45 14.01 -5.97
C PHE B 194 8.94 13.83 -5.93
N SER B 195 8.35 13.71 -7.12
CA SER B 195 6.92 13.43 -7.25
C SER B 195 6.64 12.00 -6.78
N MET B 196 5.34 11.68 -6.69
CA MET B 196 4.97 10.29 -6.36
C MET B 196 5.58 9.32 -7.37
N ARG B 197 5.65 9.71 -8.64
CA ARG B 197 6.30 8.89 -9.66
C ARG B 197 7.75 8.58 -9.31
N ASP B 198 8.51 9.61 -8.89
CA ASP B 198 9.89 9.42 -8.47
C ASP B 198 9.97 8.50 -7.25
N ILE B 199 9.01 8.63 -6.33
CA ILE B 199 9.01 7.69 -5.21
C ILE B 199 8.70 6.27 -5.71
N ASP B 200 7.75 6.15 -6.65
CA ASP B 200 7.47 4.84 -7.24
C ASP B 200 8.72 4.23 -7.84
N ARG B 201 9.55 5.04 -8.50
CA ARG B 201 10.76 4.54 -9.15
C ARG B 201 11.88 4.28 -8.15
N LEU B 202 12.18 5.27 -7.32
CA LEU B 202 13.37 5.25 -6.49
C LEU B 202 13.17 4.55 -5.17
N GLY B 203 11.95 4.56 -4.62
CA GLY B 203 11.77 4.18 -3.23
C GLY B 203 12.07 5.33 -2.28
N ILE B 204 11.37 5.36 -1.15
CA ILE B 204 11.47 6.50 -0.25
C ILE B 204 12.86 6.60 0.41
N GLN B 205 13.58 5.48 0.56
CA GLN B 205 14.93 5.56 1.12
C GLN B 205 15.86 6.38 0.22
N LYS B 206 15.91 6.05 -1.07
CA LYS B 206 16.79 6.81 -1.97
C LYS B 206 16.32 8.24 -2.13
N VAL B 207 15.01 8.47 -2.10
CA VAL B 207 14.47 9.84 -2.16
C VAL B 207 15.04 10.68 -1.03
N MET B 208 15.02 10.16 0.20
CA MET B 208 15.54 10.93 1.34
C MET B 208 17.05 11.12 1.22
N GLU B 209 17.76 10.10 0.75
CA GLU B 209 19.20 10.23 0.56
C GLU B 209 19.51 11.34 -0.42
N ARG B 210 18.81 11.37 -1.56
CA ARG B 210 19.08 12.39 -2.55
C ARG B 210 18.63 13.76 -2.07
N THR B 211 17.56 13.80 -1.26
CA THR B 211 17.13 15.09 -0.72
C THR B 211 18.23 15.69 0.14
N PHE B 212 18.80 14.91 1.05
CA PHE B 212 19.79 15.48 1.96
C PHE B 212 21.10 15.74 1.25
N ASP B 213 21.45 14.90 0.28
CA ASP B 213 22.64 15.20 -0.52
C ASP B 213 22.48 16.54 -1.23
N LEU B 214 21.31 16.80 -1.82
CA LEU B 214 21.11 18.10 -2.49
C LEU B 214 21.20 19.27 -1.51
N LEU B 215 20.72 19.09 -0.27
CA LEU B 215 20.58 20.25 0.60
C LEU B 215 21.73 20.41 1.57
N ILE B 216 22.18 19.33 2.19
CA ILE B 216 23.17 19.37 3.25
C ILE B 216 24.33 18.46 2.88
N GLY B 217 24.49 18.15 1.60
CA GLY B 217 25.59 17.30 1.19
C GLY B 217 26.93 17.96 1.42
N LYS B 218 26.98 19.29 1.36
CA LYS B 218 28.24 20.02 1.50
C LYS B 218 28.41 20.69 2.86
N ARG B 219 27.32 21.02 3.55
CA ARG B 219 27.41 21.73 4.83
C ARG B 219 26.15 21.46 5.63
N GLN B 220 26.28 21.51 6.95
CA GLN B 220 25.15 21.39 7.85
C GLN B 220 24.31 22.65 7.80
N ARG B 221 22.99 22.49 7.78
CA ARG B 221 22.08 23.62 7.67
C ARG B 221 20.85 23.31 8.49
N PRO B 222 20.29 24.31 9.19
CA PRO B 222 19.02 24.09 9.87
C PRO B 222 17.94 23.74 8.86
N ILE B 223 17.14 22.73 9.19
CA ILE B 223 16.14 22.19 8.26
C ILE B 223 14.78 22.73 8.66
N HIS B 224 14.03 23.23 7.69
CA HIS B 224 12.63 23.60 7.86
C HIS B 224 11.77 22.56 7.14
N LEU B 225 11.02 21.76 7.92
CA LEU B 225 10.12 20.74 7.37
C LEU B 225 8.72 21.34 7.32
N SER B 226 8.23 21.63 6.11
CA SER B 226 6.87 22.12 5.93
C SER B 226 6.03 20.94 5.41
N PHE B 227 5.21 20.39 6.29
CA PHE B 227 4.51 19.14 6.00
C PHE B 227 3.01 19.43 5.85
N ASP B 228 2.52 19.33 4.63
CA ASP B 228 1.09 19.43 4.31
C ASP B 228 0.49 18.06 4.47
N ILE B 229 -0.53 17.94 5.33
CA ILE B 229 -1.09 16.62 5.62
C ILE B 229 -1.62 15.94 4.36
N ASP B 230 -1.97 16.72 3.32
CA ASP B 230 -2.48 16.10 2.09
C ASP B 230 -1.39 15.45 1.27
N ALA B 231 -0.14 15.44 1.74
CA ALA B 231 0.85 14.60 1.07
C ALA B 231 0.49 13.13 1.21
N PHE B 232 -0.15 12.76 2.33
CA PHE B 232 -0.62 11.41 2.54
C PHE B 232 -1.83 11.11 1.64
N ASP B 233 -1.97 9.84 1.29
CA ASP B 233 -3.13 9.40 0.55
C ASP B 233 -4.43 9.78 1.28
N PRO B 234 -5.46 10.21 0.56
CA PRO B 234 -6.71 10.60 1.23
C PRO B 234 -7.34 9.51 2.08
N THR B 235 -7.07 8.22 1.82
CA THR B 235 -7.58 7.18 2.71
C THR B 235 -6.96 7.31 4.09
N LEU B 236 -5.77 7.88 4.20
CA LEU B 236 -5.09 8.02 5.47
C LEU B 236 -5.33 9.37 6.11
N ALA B 237 -5.47 10.42 5.31
CA ALA B 237 -5.67 11.78 5.80
C ALA B 237 -6.85 12.39 5.07
N PRO B 238 -8.07 11.90 5.34
CA PRO B 238 -9.22 12.42 4.61
C PRO B 238 -9.58 13.84 4.98
N ALA B 239 -9.31 14.27 6.21
CA ALA B 239 -9.84 15.55 6.70
C ALA B 239 -8.90 16.69 6.29
N THR B 240 -8.99 17.06 5.02
CA THR B 240 -8.11 18.06 4.45
C THR B 240 -8.82 18.65 3.23
N GLY B 241 -8.41 19.86 2.84
CA GLY B 241 -9.17 20.62 1.86
C GLY B 241 -8.99 20.25 0.39
N THR B 242 -7.81 19.73 0.03
N THR B 242 -7.80 19.78 -0.01
CA THR B 242 -7.45 19.42 -1.35
CA THR B 242 -7.53 19.40 -1.40
C THR B 242 -6.89 17.99 -1.43
C THR B 242 -6.93 18.00 -1.45
N PRO B 243 -7.72 16.97 -1.18
CA PRO B 243 -7.19 15.60 -1.20
C PRO B 243 -6.96 15.14 -2.64
N VAL B 244 -5.87 14.39 -2.84
CA VAL B 244 -5.51 13.89 -4.17
C VAL B 244 -5.14 12.41 -4.05
N VAL B 245 -5.85 11.55 -4.77
CA VAL B 245 -5.58 10.11 -4.73
C VAL B 245 -4.13 9.82 -5.13
N GLY B 246 -3.58 8.76 -4.54
CA GLY B 246 -2.25 8.27 -4.91
C GLY B 246 -1.13 8.82 -4.05
N GLY B 247 -1.35 8.98 -2.76
CA GLY B 247 -0.44 9.71 -1.89
C GLY B 247 0.59 8.83 -1.20
N LEU B 248 1.34 9.45 -0.28
CA LEU B 248 2.26 8.68 0.55
C LEU B 248 1.49 7.63 1.35
N THR B 249 2.11 6.47 1.53
CA THR B 249 1.60 5.54 2.53
C THR B 249 2.00 6.01 3.94
N TYR B 250 1.36 5.42 4.94
CA TYR B 250 1.73 5.68 6.32
C TYR B 250 3.21 5.44 6.54
N ARG B 251 3.69 4.27 6.14
CA ARG B 251 5.08 3.92 6.33
C ARG B 251 6.02 4.92 5.65
N GLU B 252 5.66 5.39 4.44
CA GLU B 252 6.50 6.36 3.75
C GLU B 252 6.57 7.68 4.52
N GLY B 253 5.42 8.15 5.02
CA GLY B 253 5.44 9.39 5.81
C GLY B 253 6.28 9.27 7.07
N MET B 254 6.17 8.13 7.77
CA MET B 254 7.01 7.92 8.94
C MET B 254 8.48 7.89 8.55
N TYR B 255 8.81 7.22 7.44
CA TYR B 255 10.20 7.13 7.01
C TYR B 255 10.77 8.50 6.73
N ILE B 256 10.00 9.38 6.08
CA ILE B 256 10.44 10.74 5.85
C ILE B 256 10.76 11.42 7.18
N ALA B 257 9.80 11.38 8.11
CA ALA B 257 10.01 12.02 9.41
C ALA B 257 11.19 11.42 10.13
N GLU B 258 11.34 10.09 10.07
CA GLU B 258 12.49 9.45 10.71
C GLU B 258 13.81 9.99 10.18
N GLU B 259 13.91 10.14 8.84
CA GLU B 259 15.16 10.62 8.25
C GLU B 259 15.39 12.09 8.58
N ILE B 260 14.32 12.89 8.60
CA ILE B 260 14.42 14.26 9.10
C ILE B 260 15.04 14.25 10.50
N HIS B 261 14.48 13.45 11.41
CA HIS B 261 15.04 13.39 12.76
C HIS B 261 16.50 12.95 12.73
N ASN B 262 16.82 11.97 11.89
CA ASN B 262 18.16 11.39 11.91
C ASN B 262 19.23 12.36 11.47
N THR B 263 18.90 13.41 10.72
CA THR B 263 19.92 14.41 10.38
C THR B 263 20.40 15.16 11.62
N GLY B 264 19.58 15.25 12.66
CA GLY B 264 19.89 16.10 13.79
C GLY B 264 19.69 17.57 13.56
N LEU B 265 19.17 17.98 12.40
CA LEU B 265 19.13 19.39 12.02
C LEU B 265 17.75 20.02 12.02
N LEU B 266 16.71 19.27 12.40
CA LEU B 266 15.37 19.83 12.33
C LEU B 266 15.27 21.05 13.23
N SER B 267 14.92 22.20 12.66
CA SER B 267 14.88 23.44 13.42
C SER B 267 13.50 24.05 13.48
N ALA B 268 12.62 23.74 12.50
CA ALA B 268 11.23 24.16 12.52
C ALA B 268 10.43 23.18 11.67
N LEU B 269 9.19 22.96 12.11
CA LEU B 269 8.27 22.04 11.44
C LEU B 269 6.90 22.69 11.37
N ASP B 270 6.33 22.75 10.17
CA ASP B 270 4.93 23.12 9.94
C ASP B 270 4.13 21.84 9.72
N LEU B 271 3.00 21.71 10.42
CA LEU B 271 2.02 20.66 10.12
C LEU B 271 0.70 21.36 9.78
N VAL B 272 0.39 21.44 8.49
CA VAL B 272 -0.70 22.29 8.04
C VAL B 272 -1.78 21.48 7.31
N GLU B 273 -2.95 22.11 7.17
CA GLU B 273 -4.09 21.74 6.32
C GLU B 273 -4.95 20.63 6.89
N VAL B 274 -4.77 20.27 8.17
CA VAL B 274 -5.75 19.41 8.83
C VAL B 274 -7.02 20.22 9.04
N ASN B 275 -8.12 19.78 8.41
CA ASN B 275 -9.41 20.47 8.53
C ASN B 275 -10.42 19.46 9.03
N PRO B 276 -10.65 19.39 10.34
CA PRO B 276 -11.54 18.37 10.89
C PRO B 276 -12.99 18.48 10.39
N GLN B 277 -13.44 19.66 9.95
CA GLN B 277 -14.81 19.79 9.45
C GLN B 277 -15.01 19.11 8.10
N LEU B 278 -13.96 18.74 7.38
CA LEU B 278 -14.12 18.07 6.10
C LEU B 278 -14.16 16.55 6.25
N ALA B 279 -13.95 16.03 7.45
CA ALA B 279 -14.18 14.61 7.67
C ALA B 279 -15.67 14.33 7.61
N THR B 280 -16.05 13.20 7.01
CA THR B 280 -17.45 12.81 7.02
C THR B 280 -17.86 12.10 8.29
N SER B 281 -16.90 11.82 9.17
CA SER B 281 -17.17 11.15 10.42
C SER B 281 -16.16 11.64 11.45
N GLU B 282 -16.53 11.46 12.72
CA GLU B 282 -15.60 11.76 13.80
C GLU B 282 -14.35 10.92 13.67
N GLU B 283 -14.50 9.65 13.28
CA GLU B 283 -13.35 8.78 13.15
C GLU B 283 -12.40 9.27 12.05
N GLU B 284 -12.95 9.75 10.93
CA GLU B 284 -12.10 10.30 9.89
C GLU B 284 -11.30 11.50 10.37
N ALA B 285 -11.92 12.35 11.20
CA ALA B 285 -11.23 13.52 11.75
C ALA B 285 -10.09 13.07 12.66
N LYS B 286 -10.40 12.14 13.56
CA LYS B 286 -9.41 11.70 14.54
C LYS B 286 -8.25 10.96 13.90
N THR B 287 -8.49 10.09 12.89
CA THR B 287 -7.39 9.42 12.23
CA THR B 287 -7.34 9.43 12.28
C THR B 287 -6.44 10.45 11.59
N THR B 288 -7.02 11.50 10.99
CA THR B 288 -6.21 12.54 10.37
C THR B 288 -5.38 13.27 11.41
N ALA B 289 -6.00 13.65 12.53
CA ALA B 289 -5.29 14.30 13.63
C ALA B 289 -4.24 13.38 14.24
N ASN B 290 -4.60 12.11 14.47
CA ASN B 290 -3.63 11.15 14.99
C ASN B 290 -2.43 11.02 14.07
N LEU B 291 -2.66 11.03 12.75
CA LEU B 291 -1.57 10.94 11.80
C LEU B 291 -0.65 12.15 11.88
N ALA B 292 -1.24 13.35 12.03
CA ALA B 292 -0.44 14.55 12.22
C ALA B 292 0.49 14.42 13.43
N VAL B 293 -0.02 13.86 14.54
CA VAL B 293 0.84 13.67 15.72
C VAL B 293 1.95 12.69 15.41
N ASP B 294 1.62 11.58 14.75
CA ASP B 294 2.66 10.60 14.38
C ASP B 294 3.78 11.25 13.58
N VAL B 295 3.45 12.16 12.67
CA VAL B 295 4.46 12.81 11.85
C VAL B 295 5.37 13.67 12.72
N ILE B 296 4.75 14.48 13.59
CA ILE B 296 5.52 15.39 14.44
C ILE B 296 6.41 14.61 15.39
N ALA B 297 5.85 13.59 16.04
CA ALA B 297 6.61 12.79 17.00
C ALA B 297 7.77 12.07 16.32
N SER B 298 7.51 11.46 15.15
CA SER B 298 8.58 10.81 14.42
CA SER B 298 8.58 10.81 14.42
C SER B 298 9.66 11.80 14.01
N SER B 299 9.26 13.04 13.70
CA SER B 299 10.23 14.05 13.30
C SER B 299 11.11 14.47 14.46
N PHE B 300 10.69 14.21 15.70
CA PHE B 300 11.48 14.51 16.88
C PHE B 300 11.92 13.27 17.62
N GLY B 301 11.96 12.12 16.92
CA GLY B 301 12.72 10.98 17.40
C GLY B 301 11.91 9.75 17.71
N GLN B 302 10.58 9.77 17.62
CA GLN B 302 9.84 8.54 17.80
C GLN B 302 10.24 7.54 16.71
N THR B 303 10.61 6.34 17.12
CA THR B 303 11.05 5.29 16.21
C THR B 303 10.02 4.17 16.17
N ARG B 304 10.19 3.29 15.19
CA ARG B 304 9.33 2.14 15.09
C ARG B 304 9.97 0.89 15.69
N GLU B 305 11.22 0.94 16.13
CA GLU B 305 11.86 -0.21 16.75
CA GLU B 305 11.83 -0.22 16.76
C GLU B 305 12.10 -0.02 18.25
N GLY B 306 11.67 1.10 18.83
CA GLY B 306 11.83 1.31 20.26
C GLY B 306 13.18 1.80 20.76
N HIS C 1 3.66 -35.38 1.34
CA HIS C 1 3.95 -34.52 2.48
C HIS C 1 2.76 -34.47 3.44
N SER C 2 3.05 -34.48 4.74
CA SER C 2 2.02 -34.66 5.76
C SER C 2 2.00 -33.47 6.70
N VAL C 3 0.79 -32.99 6.99
CA VAL C 3 0.60 -31.80 7.80
C VAL C 3 -0.37 -32.16 8.92
N ALA C 4 0.03 -31.89 10.16
CA ALA C 4 -0.83 -32.02 11.30
C ALA C 4 -1.37 -30.64 11.67
N VAL C 5 -2.65 -30.58 11.99
CA VAL C 5 -3.30 -29.33 12.37
C VAL C 5 -3.76 -29.46 13.80
N ILE C 6 -3.34 -28.52 14.65
CA ILE C 6 -3.62 -28.57 16.07
C ILE C 6 -4.27 -27.27 16.47
N GLY C 7 -5.53 -27.34 16.90
CA GLY C 7 -6.17 -26.18 17.49
C GLY C 7 -5.66 -26.01 18.91
N ALA C 8 -5.27 -24.80 19.26
CA ALA C 8 -4.80 -24.49 20.62
C ALA C 8 -5.61 -23.31 21.13
N PRO C 9 -6.88 -23.55 21.52
CA PRO C 9 -7.73 -22.43 21.92
C PRO C 9 -7.36 -21.91 23.30
N PHE C 10 -6.29 -21.13 23.37
CA PHE C 10 -5.76 -20.62 24.62
CA PHE C 10 -5.76 -20.62 24.62
C PHE C 10 -5.83 -19.11 24.65
N SER C 11 -6.24 -18.56 25.79
CA SER C 11 -6.37 -17.11 25.94
C SER C 11 -5.67 -16.55 27.16
N GLN C 12 -5.13 -17.40 28.03
CA GLN C 12 -4.65 -16.91 29.31
C GLN C 12 -3.24 -16.34 29.26
N GLY C 13 -2.59 -16.37 28.12
CA GLY C 13 -1.41 -15.53 27.97
C GLY C 13 -1.71 -14.05 27.87
N GLN C 14 -2.97 -13.64 27.99
CA GLN C 14 -3.31 -12.22 27.91
C GLN C 14 -4.71 -12.05 28.50
N LYS C 15 -5.23 -10.83 28.45
CA LYS C 15 -6.43 -10.49 29.21
C LYS C 15 -7.69 -10.30 28.36
N ARG C 16 -7.59 -10.31 27.04
CA ARG C 16 -8.75 -10.04 26.20
C ARG C 16 -9.47 -11.35 25.86
N LYS C 17 -10.78 -11.35 26.08
CA LYS C 17 -11.63 -12.50 25.81
C LYS C 17 -11.76 -12.71 24.31
N GLY C 18 -11.72 -13.96 23.86
CA GLY C 18 -12.17 -14.34 22.53
C GLY C 18 -11.10 -14.91 21.62
N VAL C 19 -9.82 -14.71 21.93
CA VAL C 19 -8.78 -15.30 21.10
C VAL C 19 -8.81 -16.82 21.15
N GLU C 20 -9.48 -17.39 22.16
CA GLU C 20 -9.64 -18.85 22.18
C GLU C 20 -10.55 -19.33 21.05
N HIS C 21 -11.27 -18.43 20.37
CA HIS C 21 -12.07 -18.85 19.23
C HIS C 21 -11.33 -18.74 17.90
N GLY C 22 -10.09 -18.27 17.91
CA GLY C 22 -9.27 -18.22 16.72
C GLY C 22 -9.22 -19.52 15.93
N PRO C 23 -8.94 -20.65 16.58
CA PRO C 23 -8.86 -21.90 15.81
C PRO C 23 -10.15 -22.23 15.07
N ALA C 24 -11.30 -22.04 15.72
CA ALA C 24 -12.57 -22.32 15.05
C ALA C 24 -12.80 -21.34 13.90
N ALA C 25 -12.47 -20.06 14.09
CA ALA C 25 -12.63 -19.10 12.99
C ALA C 25 -11.77 -19.48 11.80
N ILE C 26 -10.53 -19.87 12.06
CA ILE C 26 -9.64 -20.21 10.96
C ILE C 26 -10.14 -21.45 10.22
N ARG C 27 -10.60 -22.47 10.97
CA ARG C 27 -11.17 -23.65 10.33
C ARG C 27 -12.38 -23.30 9.49
N GLU C 28 -13.28 -22.46 10.02
CA GLU C 28 -14.48 -22.07 9.30
C GLU C 28 -14.15 -21.31 8.03
N ALA C 29 -13.01 -20.64 7.99
CA ALA C 29 -12.57 -19.96 6.78
C ALA C 29 -11.97 -20.92 5.75
N GLY C 30 -12.10 -22.24 5.92
CA GLY C 30 -11.74 -23.17 4.87
C GLY C 30 -10.34 -23.77 4.92
N LEU C 31 -9.66 -23.72 6.08
CA LEU C 31 -8.25 -24.11 6.15
C LEU C 31 -8.03 -25.53 5.62
N MET C 32 -8.82 -26.50 6.11
CA MET C 32 -8.52 -27.89 5.80
C MET C 32 -8.65 -28.17 4.31
N LYS C 33 -9.69 -27.63 3.67
CA LYS C 33 -9.84 -27.83 2.23
CA LYS C 33 -9.84 -27.83 2.22
C LYS C 33 -8.71 -27.17 1.44
N ARG C 34 -8.27 -25.99 1.88
CA ARG C 34 -7.15 -25.33 1.19
C ARG C 34 -5.89 -26.17 1.27
N LEU C 35 -5.59 -26.73 2.45
CA LEU C 35 -4.38 -27.54 2.58
C LEU C 35 -4.49 -28.83 1.77
N SER C 36 -5.67 -29.48 1.79
CA SER C 36 -5.87 -30.68 0.97
CA SER C 36 -5.85 -30.68 0.97
C SER C 36 -5.60 -30.39 -0.50
N SER C 37 -6.13 -29.26 -1.00
CA SER C 37 -6.00 -28.90 -2.41
C SER C 37 -4.56 -28.77 -2.83
N LEU C 38 -3.67 -28.42 -1.92
CA LEU C 38 -2.25 -28.37 -2.23
C LEU C 38 -1.60 -29.76 -2.21
N GLY C 39 -2.38 -30.81 -2.02
CA GLY C 39 -1.82 -32.14 -1.92
C GLY C 39 -1.33 -32.56 -0.55
N CYS C 40 -1.55 -31.75 0.48
CA CYS C 40 -1.04 -32.12 1.79
C CYS C 40 -1.96 -33.16 2.41
N HIS C 41 -1.35 -34.23 2.93
CA HIS C 41 -2.06 -35.26 3.67
C HIS C 41 -2.24 -34.78 5.10
N LEU C 42 -3.47 -34.81 5.58
CA LEU C 42 -3.85 -34.07 6.77
C LEU C 42 -4.15 -35.01 7.93
N LYS C 43 -3.59 -34.70 9.09
CA LYS C 43 -4.05 -35.27 10.34
C LYS C 43 -4.56 -34.12 11.20
N ASP C 44 -5.84 -34.14 11.51
CA ASP C 44 -6.46 -33.13 12.35
C ASP C 44 -6.53 -33.64 13.78
N PHE C 45 -5.88 -32.91 14.69
CA PHE C 45 -5.91 -33.21 16.12
C PHE C 45 -7.07 -32.54 16.82
N GLY C 46 -7.94 -31.84 16.10
CA GLY C 46 -9.01 -31.11 16.73
C GLY C 46 -8.44 -29.97 17.57
N ASP C 47 -9.31 -29.43 18.42
CA ASP C 47 -8.91 -28.42 19.39
C ASP C 47 -8.59 -29.10 20.72
N LEU C 48 -7.36 -28.94 21.19
CA LEU C 48 -6.98 -29.49 22.47
C LEU C 48 -7.79 -28.86 23.60
N SER C 49 -8.03 -29.65 24.65
CA SER C 49 -8.63 -29.17 25.88
C SER C 49 -7.54 -29.15 26.93
N PHE C 50 -7.11 -27.96 27.34
CA PHE C 50 -6.00 -27.86 28.26
C PHE C 50 -6.49 -28.00 29.69
N THR C 51 -5.71 -28.68 30.50
CA THR C 51 -6.06 -28.94 31.88
C THR C 51 -6.03 -27.65 32.69
N PRO C 52 -7.12 -27.26 33.34
CA PRO C 52 -7.09 -26.05 34.17
C PRO C 52 -6.27 -26.28 35.42
N VAL C 53 -5.84 -25.18 36.02
CA VAL C 53 -5.08 -25.19 37.26
C VAL C 53 -5.87 -24.40 38.30
N PRO C 54 -6.29 -25.01 39.40
CA PRO C 54 -7.02 -24.25 40.42
C PRO C 54 -6.14 -23.20 41.06
N LYS C 55 -6.76 -22.07 41.42
CA LYS C 55 -6.12 -21.03 42.23
C LYS C 55 -4.82 -20.54 41.59
N ASP C 56 -4.88 -20.30 40.28
CA ASP C 56 -3.70 -19.86 39.55
C ASP C 56 -3.50 -18.37 39.80
N ASP C 57 -2.99 -18.06 41.00
CA ASP C 57 -2.81 -16.67 41.42
C ASP C 57 -1.68 -16.00 40.65
N LEU C 58 -1.78 -14.67 40.52
CA LEU C 58 -0.72 -13.85 39.98
C LEU C 58 0.62 -14.22 40.58
N TYR C 59 1.64 -14.30 39.72
CA TYR C 59 3.01 -14.41 40.20
C TYR C 59 3.58 -13.01 40.39
N ASN C 60 4.16 -12.78 41.57
CA ASN C 60 4.80 -11.50 41.88
C ASN C 60 3.83 -10.33 41.73
N ASN C 61 2.55 -10.56 42.04
CA ASN C 61 1.51 -9.53 41.93
C ASN C 61 1.51 -8.86 40.55
N LEU C 62 1.83 -9.61 39.49
CA LEU C 62 1.86 -9.02 38.15
C LEU C 62 1.60 -10.01 37.02
N ILE C 63 2.29 -11.15 37.03
CA ILE C 63 2.22 -12.09 35.91
C ILE C 63 0.96 -12.92 36.05
N VAL C 64 0.12 -12.91 35.02
CA VAL C 64 -1.22 -13.46 35.11
C VAL C 64 -1.23 -14.90 34.59
N ASN C 65 -2.01 -15.76 35.27
CA ASN C 65 -2.21 -17.17 34.91
C ASN C 65 -0.93 -17.95 34.64
N PRO C 66 0.13 -17.80 35.44
CA PRO C 66 1.39 -18.48 35.10
C PRO C 66 1.28 -20.00 35.04
N ARG C 67 0.59 -20.62 36.00
CA ARG C 67 0.53 -22.08 36.02
C ARG C 67 -0.30 -22.61 34.86
N SER C 68 -1.39 -21.90 34.53
CA SER C 68 -2.23 -22.32 33.41
C SER C 68 -1.45 -22.26 32.10
N VAL C 69 -0.66 -21.20 31.91
CA VAL C 69 0.13 -21.06 30.69
C VAL C 69 1.26 -22.09 30.66
N GLY C 70 1.94 -22.28 31.80
CA GLY C 70 2.95 -23.33 31.87
C GLY C 70 2.39 -24.70 31.53
N LEU C 71 1.25 -25.06 32.13
CA LEU C 71 0.73 -26.41 31.94
C LEU C 71 0.16 -26.60 30.55
N ALA C 72 -0.60 -25.61 30.05
CA ALA C 72 -1.11 -25.74 28.69
C ALA C 72 0.04 -25.91 27.70
N ASN C 73 1.13 -25.17 27.90
CA ASN C 73 2.24 -25.27 26.96
C ASN C 73 2.97 -26.60 27.09
N GLN C 74 3.04 -27.16 28.31
CA GLN C 74 3.60 -28.50 28.48
C GLN C 74 2.79 -29.51 27.70
N GLU C 75 1.47 -29.44 27.81
CA GLU C 75 0.62 -30.38 27.11
C GLU C 75 0.70 -30.19 25.61
N LEU C 76 0.72 -28.94 25.15
CA LEU C 76 0.89 -28.67 23.72
C LEU C 76 2.23 -29.19 23.22
N ALA C 77 3.32 -28.88 23.95
CA ALA C 77 4.64 -29.36 23.54
C ALA C 77 4.66 -30.86 23.32
N GLU C 78 3.94 -31.59 24.17
CA GLU C 78 3.87 -33.04 24.04
C GLU C 78 3.24 -33.42 22.71
N VAL C 79 2.13 -32.76 22.35
CA VAL C 79 1.44 -33.08 21.11
C VAL C 79 2.29 -32.69 19.90
N VAL C 80 2.97 -31.55 19.96
CA VAL C 80 3.79 -31.12 18.83
C VAL C 80 4.95 -32.09 18.62
N SER C 81 5.62 -32.46 19.72
CA SER C 81 6.71 -33.43 19.67
C SER C 81 6.27 -34.74 19.03
N ARG C 82 5.13 -35.30 19.48
CA ARG C 82 4.66 -36.57 18.92
C ARG C 82 4.38 -36.45 17.42
N ALA C 83 3.72 -35.36 17.01
CA ALA C 83 3.38 -35.18 15.60
C ALA C 83 4.63 -35.00 14.74
N VAL C 84 5.59 -34.18 15.20
CA VAL C 84 6.83 -34.02 14.46
C VAL C 84 7.61 -35.33 14.44
N SER C 85 7.55 -36.07 15.55
CA SER C 85 8.20 -37.38 15.59
C SER C 85 7.59 -38.33 14.56
N ASP C 86 6.28 -38.25 14.35
CA ASP C 86 5.57 -39.09 13.39
C ASP C 86 5.68 -38.57 11.97
N GLY C 87 6.52 -37.58 11.71
CA GLY C 87 6.73 -37.09 10.37
C GLY C 87 5.81 -36.00 9.89
N TYR C 88 5.05 -35.35 10.77
CA TYR C 88 4.19 -34.25 10.35
C TYR C 88 4.89 -32.90 10.44
N SER C 89 4.72 -32.09 9.41
CA SER C 89 4.78 -30.64 9.56
C SER C 89 3.60 -30.20 10.42
N CYS C 90 3.87 -29.38 11.43
CA CYS C 90 2.90 -29.06 12.47
CA CYS C 90 2.92 -29.05 12.47
C CYS C 90 2.36 -27.64 12.31
N VAL C 91 1.06 -27.54 12.10
CA VAL C 91 0.35 -26.26 12.06
C VAL C 91 -0.41 -26.13 13.38
N THR C 92 -0.07 -25.13 14.19
CA THR C 92 -0.77 -24.85 15.43
C THR C 92 -1.55 -23.56 15.29
N LEU C 93 -2.85 -23.63 15.53
CA LEU C 93 -3.74 -22.49 15.44
C LEU C 93 -3.97 -21.95 16.86
N GLY C 94 -3.67 -20.67 17.07
CA GLY C 94 -3.97 -20.02 18.34
C GLY C 94 -5.30 -19.30 18.30
N GLY C 95 -5.68 -18.71 19.45
CA GLY C 95 -4.87 -18.71 20.66
C GLY C 95 -3.82 -17.62 20.71
N ASP C 96 -3.48 -17.16 21.90
CA ASP C 96 -2.49 -16.10 22.04
C ASP C 96 -1.08 -16.66 21.86
N HIS C 97 -0.12 -15.76 21.66
CA HIS C 97 1.23 -16.16 21.27
C HIS C 97 2.02 -16.85 22.39
N SER C 98 1.53 -16.88 23.64
CA SER C 98 2.27 -17.64 24.65
C SER C 98 2.37 -19.12 24.29
N LEU C 99 1.53 -19.61 23.36
N LEU C 99 1.54 -19.60 23.36
CA LEU C 99 1.63 -21.01 22.98
CA LEU C 99 1.59 -20.99 22.93
C LEU C 99 2.90 -21.33 22.19
C LEU C 99 2.87 -21.32 22.16
N ALA C 100 3.63 -20.32 21.70
CA ALA C 100 4.89 -20.61 21.03
C ALA C 100 5.88 -21.22 22.00
N ILE C 101 5.76 -20.93 23.30
CA ILE C 101 6.55 -21.66 24.28
C ILE C 101 6.37 -23.15 24.06
N GLY C 102 5.11 -23.58 23.90
CA GLY C 102 4.83 -25.00 23.74
C GLY C 102 5.22 -25.55 22.37
N THR C 103 4.90 -24.84 21.29
CA THR C 103 5.17 -25.42 19.97
C THR C 103 6.67 -25.47 19.69
N ILE C 104 7.41 -24.43 20.09
CA ILE C 104 8.84 -24.41 19.83
C ILE C 104 9.56 -25.41 20.72
N SER C 105 9.14 -25.56 21.98
CA SER C 105 9.75 -26.58 22.85
C SER C 105 9.50 -27.99 22.33
N GLY C 106 8.25 -28.28 21.96
CA GLY C 106 7.96 -29.58 21.37
C GLY C 106 8.71 -29.81 20.07
N HIS C 107 8.78 -28.78 19.23
CA HIS C 107 9.50 -28.87 17.97
C HIS C 107 10.99 -29.09 18.20
N ALA C 108 11.57 -28.40 19.18
CA ALA C 108 13.00 -28.49 19.40
C ALA C 108 13.41 -29.82 20.01
N ARG C 109 12.47 -30.49 20.69
CA ARG C 109 12.75 -31.78 21.30
C ARG C 109 13.28 -32.78 20.27
N HIS C 110 12.65 -32.87 19.10
CA HIS C 110 13.13 -33.77 18.05
C HIS C 110 14.09 -33.10 17.06
N CYS C 111 13.95 -31.78 16.84
CA CYS C 111 14.79 -31.02 15.92
C CYS C 111 15.57 -29.94 16.69
N PRO C 112 16.63 -30.32 17.42
CA PRO C 112 17.35 -29.31 18.23
C PRO C 112 18.08 -28.24 17.41
N ASP C 113 18.35 -28.49 16.12
CA ASP C 113 18.98 -27.46 15.30
C ASP C 113 17.97 -26.58 14.58
N LEU C 114 16.72 -26.53 15.05
CA LEU C 114 15.73 -25.71 14.38
C LEU C 114 16.06 -24.23 14.51
N CYS C 115 15.64 -23.45 13.52
CA CYS C 115 15.71 -22.00 13.60
C CYS C 115 14.28 -21.45 13.55
N VAL C 116 14.14 -20.17 13.90
CA VAL C 116 12.83 -19.57 14.12
C VAL C 116 12.71 -18.29 13.29
N VAL C 117 11.66 -18.20 12.49
CA VAL C 117 11.25 -16.95 11.86
C VAL C 117 10.00 -16.46 12.58
N TRP C 118 10.12 -15.30 13.23
CA TRP C 118 9.10 -14.74 14.12
C TRP C 118 8.53 -13.51 13.42
N VAL C 119 7.32 -13.63 12.87
CA VAL C 119 6.71 -12.56 12.06
C VAL C 119 5.64 -11.87 12.91
N ASP C 120 5.81 -10.57 13.18
CA ASP C 120 5.08 -9.98 14.30
C ASP C 120 5.39 -8.50 14.39
N ALA C 121 4.37 -7.73 14.75
CA ALA C 121 4.56 -6.31 15.06
C ALA C 121 5.37 -6.11 16.34
N HIS C 122 5.45 -7.15 17.18
CA HIS C 122 6.05 -7.10 18.50
C HIS C 122 7.16 -8.14 18.62
N ALA C 123 8.06 -7.90 19.57
CA ALA C 123 9.20 -8.78 19.80
C ALA C 123 8.90 -9.93 20.76
N ASP C 124 7.90 -9.79 21.64
CA ASP C 124 7.45 -10.91 22.49
C ASP C 124 8.59 -11.44 23.36
N ILE C 125 9.53 -10.57 23.73
CA ILE C 125 10.76 -10.97 24.38
C ILE C 125 10.93 -10.27 25.74
N ASN C 126 9.89 -9.67 26.28
CA ASN C 126 9.93 -9.26 27.67
C ASN C 126 10.20 -10.47 28.54
N THR C 127 10.85 -10.26 29.68
CA THR C 127 10.95 -11.27 30.72
C THR C 127 9.96 -10.97 31.84
N PRO C 128 9.78 -11.90 32.78
CA PRO C 128 8.98 -11.56 33.98
C PRO C 128 9.47 -10.33 34.72
N LEU C 129 10.72 -9.94 34.54
CA LEU C 129 11.26 -8.74 35.17
C LEU C 129 11.14 -7.48 34.33
N THR C 130 10.82 -7.59 33.03
CA THR C 130 10.68 -6.38 32.23
C THR C 130 9.27 -6.11 31.74
N THR C 131 8.38 -7.11 31.76
CA THR C 131 7.02 -6.87 31.27
C THR C 131 6.36 -5.78 32.10
N SER C 132 5.68 -4.87 31.42
CA SER C 132 4.85 -3.88 32.08
C SER C 132 3.37 -4.23 32.01
N SER C 133 3.03 -5.31 31.33
CA SER C 133 1.66 -5.77 31.25
C SER C 133 1.37 -6.96 32.14
N GLY C 134 2.37 -7.83 32.34
CA GLY C 134 2.16 -9.08 33.03
C GLY C 134 1.61 -10.19 32.16
N ASN C 135 1.41 -9.93 30.87
CA ASN C 135 0.78 -10.88 29.98
C ASN C 135 1.84 -11.75 29.32
N LEU C 136 1.72 -13.07 29.49
CA LEU C 136 2.77 -13.97 29.03
C LEU C 136 2.89 -14.05 27.51
N HIS C 137 1.85 -13.68 26.76
CA HIS C 137 1.98 -13.69 25.29
C HIS C 137 2.99 -12.66 24.80
N GLY C 138 3.41 -11.74 25.67
CA GLY C 138 4.45 -10.77 25.37
C GLY C 138 5.80 -11.15 25.90
N GLN C 139 5.97 -12.38 26.41
CA GLN C 139 7.24 -12.87 26.94
C GLN C 139 7.73 -14.21 26.38
N PRO C 140 7.06 -14.86 25.40
CA PRO C 140 7.43 -16.26 25.14
C PRO C 140 8.88 -16.45 24.74
N VAL C 141 9.46 -15.51 23.97
CA VAL C 141 10.82 -15.70 23.48
C VAL C 141 11.82 -15.74 24.63
N SER C 142 11.56 -15.00 25.70
CA SER C 142 12.51 -14.95 26.82
C SER C 142 12.71 -16.33 27.43
N PHE C 143 11.67 -17.16 27.45
CA PHE C 143 11.82 -18.51 27.99
C PHE C 143 12.53 -19.46 27.04
N LEU C 144 12.68 -19.09 25.76
CA LEU C 144 13.22 -20.03 24.78
C LEU C 144 14.70 -19.81 24.45
N LEU C 145 15.25 -18.63 24.72
CA LEU C 145 16.61 -18.29 24.29
C LEU C 145 17.62 -18.63 25.39
N ARG C 146 18.62 -19.46 25.04
CA ARG C 146 19.61 -19.89 26.02
CA ARG C 146 19.62 -19.89 26.02
C ARG C 146 20.30 -18.70 26.67
N GLU C 147 20.71 -17.71 25.88
CA GLU C 147 21.55 -16.65 26.38
C GLU C 147 20.87 -15.80 27.45
N LEU C 148 19.54 -15.84 27.55
CA LEU C 148 18.82 -14.99 28.48
C LEU C 148 18.49 -15.65 29.82
N GLN C 149 18.82 -16.93 29.99
CA GLN C 149 18.24 -17.69 31.10
CA GLN C 149 18.22 -17.66 31.10
C GLN C 149 18.72 -17.20 32.46
N ASP C 150 19.89 -16.57 32.54
CA ASP C 150 20.31 -16.08 33.85
C ASP C 150 19.52 -14.85 34.30
N LYS C 151 18.76 -14.23 33.40
CA LYS C 151 17.93 -13.09 33.73
C LYS C 151 16.43 -13.38 33.64
N VAL C 152 16.06 -14.66 33.52
CA VAL C 152 14.65 -15.04 33.52
C VAL C 152 14.34 -15.86 34.76
N PRO C 153 13.63 -15.32 35.74
CA PRO C 153 13.30 -16.10 36.93
C PRO C 153 12.33 -17.23 36.59
N GLN C 154 12.29 -18.23 37.47
CA GLN C 154 11.44 -19.39 37.26
C GLN C 154 10.04 -19.13 37.82
N LEU C 155 9.03 -19.37 37.00
CA LEU C 155 7.63 -19.16 37.29
C LEU C 155 6.98 -20.47 37.74
N PRO C 156 5.97 -20.40 38.60
CA PRO C 156 5.17 -21.59 38.88
C PRO C 156 4.61 -22.14 37.58
N GLY C 157 4.78 -23.44 37.39
CA GLY C 157 4.31 -24.11 36.20
C GLY C 157 5.31 -24.15 35.05
N PHE C 158 6.47 -23.53 35.20
CA PHE C 158 7.41 -23.39 34.11
C PHE C 158 8.66 -24.25 34.26
N SER C 159 8.78 -25.05 35.32
CA SER C 159 10.07 -25.70 35.56
C SER C 159 10.42 -26.74 34.50
N TRP C 160 9.42 -27.24 33.74
CA TRP C 160 9.68 -28.19 32.67
C TRP C 160 10.40 -27.57 31.48
N ILE C 161 10.42 -26.24 31.38
CA ILE C 161 10.90 -25.57 30.18
C ILE C 161 12.42 -25.48 30.21
N LYS C 162 13.06 -26.01 29.18
CA LYS C 162 14.50 -25.85 28.96
C LYS C 162 14.72 -24.97 27.74
N PRO C 163 15.33 -23.80 27.89
CA PRO C 163 15.68 -22.96 26.74
C PRO C 163 16.38 -23.75 25.65
N CYS C 164 15.83 -23.76 24.43
CA CYS C 164 16.28 -24.66 23.39
CA CYS C 164 16.28 -24.66 23.39
C CYS C 164 16.95 -23.95 22.21
N ILE C 165 16.86 -22.63 22.13
CA ILE C 165 17.27 -21.88 20.95
C ILE C 165 18.34 -20.86 21.33
N SER C 166 19.32 -20.70 20.46
CA SER C 166 20.29 -19.63 20.61
CA SER C 166 20.29 -19.63 20.60
C SER C 166 19.77 -18.35 19.98
N SER C 167 20.24 -17.22 20.49
CA SER C 167 19.80 -15.92 20.00
C SER C 167 20.19 -15.68 18.55
N ALA C 168 21.20 -16.39 18.05
CA ALA C 168 21.53 -16.33 16.65
C ALA C 168 20.56 -17.12 15.78
N SER C 169 19.68 -17.90 16.39
CA SER C 169 18.80 -18.81 15.65
C SER C 169 17.37 -18.30 15.48
N ILE C 170 17.09 -17.05 15.83
CA ILE C 170 15.77 -16.46 15.60
C ILE C 170 15.94 -15.14 14.88
N VAL C 171 15.11 -14.91 13.86
CA VAL C 171 15.03 -13.65 13.13
C VAL C 171 13.60 -13.14 13.19
N TYR C 172 13.42 -11.86 13.54
CA TYR C 172 12.13 -11.20 13.51
C TYR C 172 11.91 -10.46 12.20
N ILE C 173 10.65 -10.44 11.76
CA ILE C 173 10.23 -9.63 10.63
C ILE C 173 8.94 -8.90 11.00
N GLY C 174 8.95 -7.58 10.87
CA GLY C 174 7.74 -6.79 10.95
C GLY C 174 7.63 -5.90 12.17
N LEU C 175 8.67 -5.87 13.01
CA LEU C 175 8.63 -5.15 14.28
C LEU C 175 8.26 -3.68 14.08
N ARG C 176 7.36 -3.22 14.93
CA ARG C 176 7.04 -1.80 14.96
C ARG C 176 6.54 -1.32 16.32
N ASP C 177 6.43 -2.19 17.33
CA ASP C 177 5.90 -1.80 18.65
C ASP C 177 6.72 -2.57 19.69
N VAL C 178 7.84 -1.98 20.08
CA VAL C 178 8.86 -2.65 20.90
C VAL C 178 9.02 -1.85 22.19
N ASP C 179 8.93 -2.53 23.34
CA ASP C 179 9.16 -1.85 24.61
C ASP C 179 10.65 -1.59 24.80
N PRO C 180 11.02 -0.50 25.49
CA PRO C 180 12.45 -0.17 25.67
C PRO C 180 13.26 -1.33 26.22
N PRO C 181 12.79 -2.05 27.24
CA PRO C 181 13.60 -3.21 27.70
C PRO C 181 13.74 -4.29 26.64
N GLU C 182 12.75 -4.43 25.75
CA GLU C 182 12.89 -5.40 24.66
C GLU C 182 13.96 -4.91 23.67
N HIS C 183 13.91 -3.63 23.31
CA HIS C 183 14.94 -3.10 22.43
C HIS C 183 16.33 -3.33 23.02
N PHE C 184 16.48 -3.10 24.32
CA PHE C 184 17.76 -3.35 24.97
C PHE C 184 18.16 -4.81 24.84
N ILE C 185 17.21 -5.72 25.08
CA ILE C 185 17.52 -7.15 24.96
C ILE C 185 17.96 -7.48 23.55
N LEU C 186 17.24 -6.98 22.54
CA LEU C 186 17.58 -7.29 21.15
C LEU C 186 19.00 -6.84 20.82
N LYS C 187 19.35 -5.62 21.20
CA LYS C 187 20.68 -5.09 20.91
C LYS C 187 21.75 -5.77 21.76
N ASN C 188 21.44 -5.99 23.04
CA ASN C 188 22.45 -6.54 23.93
C ASN C 188 22.83 -7.97 23.56
N TYR C 189 21.88 -8.75 23.05
CA TYR C 189 22.19 -10.13 22.64
C TYR C 189 22.35 -10.26 21.14
N ASP C 190 22.42 -9.14 20.42
CA ASP C 190 22.66 -9.15 18.97
C ASP C 190 21.63 -10.02 18.23
N ILE C 191 20.38 -9.96 18.67
CA ILE C 191 19.32 -10.69 17.99
C ILE C 191 18.93 -9.94 16.72
N GLN C 192 18.92 -10.62 15.59
CA GLN C 192 18.71 -9.99 14.30
C GLN C 192 17.22 -9.79 14.00
N TYR C 193 16.87 -8.63 13.46
CA TYR C 193 15.47 -8.35 13.17
C TYR C 193 15.36 -7.40 11.98
N PHE C 194 14.21 -7.46 11.31
CA PHE C 194 13.87 -6.57 10.22
C PHE C 194 12.57 -5.87 10.60
N SER C 195 12.70 -4.64 11.07
CA SER C 195 11.56 -3.84 11.45
C SER C 195 10.82 -3.38 10.19
N MET C 196 9.61 -2.82 10.38
CA MET C 196 8.91 -2.23 9.23
C MET C 196 9.80 -1.22 8.53
N ARG C 197 10.61 -0.48 9.30
CA ARG C 197 11.53 0.48 8.71
C ARG C 197 12.54 -0.23 7.81
N ASP C 198 13.09 -1.36 8.26
CA ASP C 198 13.99 -2.13 7.39
C ASP C 198 13.28 -2.61 6.14
N ILE C 199 12.01 -2.99 6.26
CA ILE C 199 11.30 -3.43 5.07
C ILE C 199 11.11 -2.25 4.13
N ASP C 200 10.81 -1.07 4.67
CA ASP C 200 10.67 0.13 3.84
C ASP C 200 11.94 0.40 3.05
N ARG C 201 13.09 0.10 3.63
CA ARG C 201 14.38 0.38 3.01
C ARG C 201 14.75 -0.71 2.02
N LEU C 202 14.75 -1.97 2.48
CA LEU C 202 15.28 -3.07 1.70
C LEU C 202 14.27 -3.65 0.71
N GLY C 203 12.98 -3.60 1.01
CA GLY C 203 12.00 -4.38 0.30
C GLY C 203 11.95 -5.81 0.84
N ILE C 204 10.79 -6.46 0.75
CA ILE C 204 10.62 -7.76 1.40
C ILE C 204 11.47 -8.86 0.74
N GLN C 205 11.78 -8.75 -0.56
CA GLN C 205 12.62 -9.79 -1.16
C GLN C 205 14.01 -9.81 -0.53
N LYS C 206 14.64 -8.64 -0.43
CA LYS C 206 15.94 -8.60 0.24
C LYS C 206 15.84 -9.01 1.71
N VAL C 207 14.73 -8.66 2.38
CA VAL C 207 14.56 -9.06 3.78
C VAL C 207 14.57 -10.58 3.90
N MET C 208 13.83 -11.27 3.02
CA MET C 208 13.80 -12.73 3.12
C MET C 208 15.15 -13.35 2.77
N GLU C 209 15.81 -12.83 1.75
CA GLU C 209 17.16 -13.31 1.39
C GLU C 209 18.10 -13.23 2.59
N ARG C 210 18.16 -12.07 3.24
CA ARG C 210 19.05 -11.92 4.38
C ARG C 210 18.60 -12.77 5.55
N THR C 211 17.28 -12.95 5.72
CA THR C 211 16.79 -13.82 6.79
C THR C 211 17.37 -15.22 6.63
N PHE C 212 17.22 -15.80 5.45
CA PHE C 212 17.72 -17.15 5.26
C PHE C 212 19.23 -17.21 5.25
N ASP C 213 19.90 -16.17 4.75
CA ASP C 213 21.35 -16.15 4.88
C ASP C 213 21.77 -16.24 6.34
N LEU C 214 21.12 -15.47 7.22
CA LEU C 214 21.45 -15.53 8.64
C LEU C 214 21.20 -16.91 9.24
N LEU C 215 20.14 -17.59 8.79
CA LEU C 215 19.67 -18.77 9.48
C LEU C 215 20.17 -20.06 8.85
N ILE C 216 20.10 -20.16 7.53
CA ILE C 216 20.42 -21.42 6.85
C ILE C 216 21.46 -21.19 5.76
N GLY C 217 22.21 -20.09 5.86
CA GLY C 217 23.27 -19.85 4.90
C GLY C 217 24.43 -20.84 5.00
N LYS C 218 24.71 -21.34 6.21
CA LYS C 218 25.77 -22.33 6.42
C LYS C 218 25.27 -23.76 6.24
N ARG C 219 24.04 -24.05 6.66
CA ARG C 219 23.54 -25.42 6.67
C ARG C 219 22.03 -25.41 6.62
N GLN C 220 21.47 -26.52 6.13
CA GLN C 220 20.02 -26.72 6.13
C GLN C 220 19.52 -26.98 7.54
N ARG C 221 18.44 -26.29 7.92
CA ARG C 221 17.86 -26.46 9.24
C ARG C 221 16.35 -26.48 9.13
N PRO C 222 15.67 -27.27 9.96
CA PRO C 222 14.21 -27.19 10.02
C PRO C 222 13.79 -25.81 10.47
N ILE C 223 12.77 -25.26 9.81
CA ILE C 223 12.33 -23.89 10.06
C ILE C 223 11.04 -23.93 10.88
N HIS C 224 10.99 -23.11 11.91
CA HIS C 224 9.77 -22.87 12.68
C HIS C 224 9.31 -21.45 12.39
N LEU C 225 8.13 -21.32 11.78
CA LEU C 225 7.56 -20.02 11.43
C LEU C 225 6.48 -19.70 12.45
N SER C 226 6.71 -18.70 13.27
CA SER C 226 5.74 -18.30 14.29
C SER C 226 5.15 -16.98 13.83
N PHE C 227 3.89 -17.02 13.36
CA PHE C 227 3.30 -15.90 12.64
C PHE C 227 2.17 -15.32 13.47
N ASP C 228 2.40 -14.12 13.99
CA ASP C 228 1.39 -13.36 14.72
C ASP C 228 0.60 -12.55 13.70
N ILE C 229 -0.71 -12.79 13.63
CA ILE C 229 -1.52 -12.15 12.59
C ILE C 229 -1.43 -10.63 12.68
N ASP C 230 -1.11 -10.10 13.87
CA ASP C 230 -0.97 -8.63 13.97
C ASP C 230 0.28 -8.11 13.28
N ALA C 231 1.13 -8.97 12.69
CA ALA C 231 2.17 -8.43 11.83
C ALA C 231 1.55 -7.64 10.66
N PHE C 232 0.39 -8.06 10.19
CA PHE C 232 -0.29 -7.38 9.08
C PHE C 232 -0.84 -6.04 9.56
N ASP C 233 -0.93 -5.11 8.63
CA ASP C 233 -1.59 -3.85 8.93
C ASP C 233 -3.00 -4.09 9.49
N PRO C 234 -3.44 -3.31 10.48
CA PRO C 234 -4.79 -3.53 11.05
C PRO C 234 -5.94 -3.38 10.04
N THR C 235 -5.75 -2.64 8.94
CA THR C 235 -6.81 -2.62 7.92
C THR C 235 -7.05 -4.00 7.32
N LEU C 236 -6.01 -4.85 7.33
CA LEU C 236 -6.11 -6.20 6.79
C LEU C 236 -6.43 -7.25 7.85
N ALA C 237 -5.93 -7.08 9.07
CA ALA C 237 -6.15 -8.04 10.16
C ALA C 237 -6.69 -7.28 11.36
N PRO C 238 -7.93 -6.80 11.29
CA PRO C 238 -8.45 -6.00 12.42
C PRO C 238 -8.79 -6.83 13.64
N ALA C 239 -9.10 -8.12 13.50
CA ALA C 239 -9.62 -8.91 14.63
C ALA C 239 -8.44 -9.53 15.38
N THR C 240 -7.78 -8.69 16.19
CA THR C 240 -6.60 -9.11 16.94
C THR C 240 -6.40 -8.14 18.11
N GLY C 241 -5.66 -8.60 19.11
CA GLY C 241 -5.67 -7.96 20.41
C GLY C 241 -4.87 -6.67 20.53
N THR C 242 -3.73 -6.57 19.84
CA THR C 242 -2.86 -5.40 19.92
CA THR C 242 -2.85 -5.40 19.91
C THR C 242 -2.51 -4.93 18.51
N PRO C 243 -3.48 -4.36 17.78
CA PRO C 243 -3.18 -3.91 16.40
C PRO C 243 -2.27 -2.69 16.42
N VAL C 244 -1.36 -2.62 15.45
CA VAL C 244 -0.45 -1.47 15.33
C VAL C 244 -0.43 -1.00 13.87
N VAL C 245 -0.76 0.27 13.65
CA VAL C 245 -0.80 0.83 12.30
C VAL C 245 0.58 0.67 11.61
N GLY C 246 0.56 0.62 10.28
CA GLY C 246 1.79 0.59 9.51
C GLY C 246 2.42 -0.77 9.38
N GLY C 247 1.61 -1.81 9.13
CA GLY C 247 2.07 -3.18 9.14
C GLY C 247 2.38 -3.72 7.74
N LEU C 248 2.55 -5.04 7.68
CA LEU C 248 2.75 -5.70 6.40
C LEU C 248 1.55 -5.50 5.49
N THR C 249 1.80 -5.35 4.21
CA THR C 249 0.72 -5.44 3.23
C THR C 249 0.34 -6.89 3.03
N TYR C 250 -0.80 -7.11 2.36
CA TYR C 250 -1.19 -8.46 1.97
C TYR C 250 -0.09 -9.11 1.13
N ARG C 251 0.40 -8.39 0.12
CA ARG C 251 1.41 -8.95 -0.77
C ARG C 251 2.70 -9.29 -0.01
N GLU C 252 3.11 -8.43 0.92
CA GLU C 252 4.32 -8.73 1.68
C GLU C 252 4.15 -10.00 2.51
N GLY C 253 2.99 -10.14 3.16
CA GLY C 253 2.74 -11.35 3.93
C GLY C 253 2.77 -12.61 3.07
N MET C 254 2.11 -12.57 1.91
CA MET C 254 2.19 -13.72 1.01
C MET C 254 3.63 -13.98 0.60
N TYR C 255 4.38 -12.92 0.35
CA TYR C 255 5.75 -13.10 -0.10
C TYR C 255 6.59 -13.80 0.97
N ILE C 256 6.45 -13.37 2.22
CA ILE C 256 7.16 -14.06 3.31
C ILE C 256 6.83 -15.54 3.29
N ALA C 257 5.53 -15.87 3.25
CA ALA C 257 5.10 -17.26 3.30
C ALA C 257 5.62 -18.03 2.10
N GLU C 258 5.49 -17.45 0.89
CA GLU C 258 6.02 -18.10 -0.32
C GLU C 258 7.49 -18.43 -0.17
N GLU C 259 8.29 -17.49 0.40
CA GLU C 259 9.71 -17.77 0.55
C GLU C 259 9.97 -18.81 1.62
N ILE C 260 9.15 -18.83 2.67
CA ILE C 260 9.23 -19.93 3.64
C ILE C 260 9.00 -21.27 2.92
N HIS C 261 7.93 -21.36 2.14
CA HIS C 261 7.67 -22.60 1.40
C HIS C 261 8.83 -22.95 0.48
N ASN C 262 9.40 -21.95 -0.20
CA ASN C 262 10.43 -22.20 -1.19
C ASN C 262 11.73 -22.73 -0.60
N THR C 263 11.96 -22.57 0.71
CA THR C 263 13.13 -23.21 1.31
C THR C 263 13.02 -24.73 1.32
N GLY C 264 11.80 -25.27 1.31
CA GLY C 264 11.60 -26.68 1.54
C GLY C 264 11.87 -27.15 2.95
N LEU C 265 12.11 -26.25 3.90
CA LEU C 265 12.53 -26.63 5.25
C LEU C 265 11.47 -26.36 6.32
N LEU C 266 10.28 -25.90 5.93
CA LEU C 266 9.25 -25.61 6.92
C LEU C 266 8.84 -26.88 7.65
N SER C 267 8.98 -26.87 8.97
CA SER C 267 8.67 -28.04 9.78
C SER C 267 7.56 -27.80 10.80
N ALA C 268 7.33 -26.56 11.23
CA ALA C 268 6.19 -26.21 12.06
C ALA C 268 5.86 -24.74 11.85
N LEU C 269 4.59 -24.41 12.06
CA LEU C 269 4.06 -23.06 11.85
C LEU C 269 3.02 -22.76 12.92
N ASP C 270 3.14 -21.61 13.58
CA ASP C 270 2.10 -21.08 14.45
C ASP C 270 1.38 -19.94 13.75
N LEU C 271 0.05 -19.93 13.82
CA LEU C 271 -0.77 -18.82 13.34
C LEU C 271 -1.62 -18.37 14.53
N VAL C 272 -1.18 -17.28 15.19
CA VAL C 272 -1.70 -16.93 16.50
C VAL C 272 -2.34 -15.55 16.47
N GLU C 273 -3.14 -15.30 17.52
CA GLU C 273 -3.70 -14.01 17.90
C GLU C 273 -4.88 -13.56 17.02
N VAL C 274 -5.48 -14.46 16.24
CA VAL C 274 -6.79 -14.13 15.67
C VAL C 274 -7.84 -14.16 16.78
N ASN C 275 -8.49 -13.01 17.01
CA ASN C 275 -9.55 -12.88 18.01
C ASN C 275 -10.79 -12.36 17.30
N PRO C 276 -11.68 -13.25 16.85
CA PRO C 276 -12.84 -12.79 16.08
C PRO C 276 -13.77 -11.86 16.87
N GLN C 277 -13.80 -11.95 18.19
CA GLN C 277 -14.65 -11.09 18.99
C GLN C 277 -14.22 -9.63 18.97
N LEU C 278 -12.98 -9.33 18.60
CA LEU C 278 -12.57 -7.93 18.55
C LEU C 278 -12.93 -7.27 17.23
N ALA C 279 -13.46 -8.02 16.28
CA ALA C 279 -13.98 -7.42 15.06
C ALA C 279 -15.22 -6.59 15.37
N THR C 280 -15.32 -5.42 14.74
CA THR C 280 -16.56 -4.65 14.88
C THR C 280 -17.67 -5.15 13.97
N SER C 281 -17.38 -6.13 13.13
CA SER C 281 -18.36 -6.64 12.18
C SER C 281 -17.97 -8.06 11.80
N GLU C 282 -18.97 -8.82 11.36
CA GLU C 282 -18.74 -10.18 10.88
C GLU C 282 -17.71 -10.20 9.76
N GLU C 283 -17.79 -9.23 8.84
CA GLU C 283 -16.86 -9.22 7.74
C GLU C 283 -15.43 -8.99 8.23
N GLU C 284 -15.24 -8.08 9.17
CA GLU C 284 -13.90 -7.87 9.73
C GLU C 284 -13.35 -9.16 10.35
N ALA C 285 -14.20 -9.92 11.05
CA ALA C 285 -13.75 -11.19 11.61
C ALA C 285 -13.39 -12.17 10.51
N LYS C 286 -14.22 -12.24 9.46
CA LYS C 286 -13.97 -13.20 8.39
C LYS C 286 -12.75 -12.81 7.54
N THR C 287 -12.56 -11.51 7.26
CA THR C 287 -11.40 -11.14 6.48
CA THR C 287 -11.39 -11.11 6.49
C THR C 287 -10.11 -11.49 7.23
N THR C 288 -10.10 -11.31 8.56
CA THR C 288 -8.93 -11.72 9.35
C THR C 288 -8.72 -13.23 9.28
N ALA C 289 -9.81 -14.01 9.35
CA ALA C 289 -9.67 -15.45 9.30
C ALA C 289 -9.23 -15.91 7.92
N ASN C 290 -9.80 -15.30 6.87
CA ASN C 290 -9.39 -15.62 5.51
C ASN C 290 -7.92 -15.32 5.30
N LEU C 291 -7.42 -14.22 5.88
CA LEU C 291 -6.00 -13.88 5.76
C LEU C 291 -5.13 -14.92 6.46
N ALA C 292 -5.53 -15.33 7.67
CA ALA C 292 -4.82 -16.42 8.33
C ALA C 292 -4.73 -17.67 7.43
N VAL C 293 -5.83 -18.02 6.75
CA VAL C 293 -5.79 -19.20 5.90
C VAL C 293 -4.85 -18.99 4.71
N ASP C 294 -4.86 -17.78 4.12
CA ASP C 294 -3.92 -17.45 3.05
C ASP C 294 -2.46 -17.61 3.49
N VAL C 295 -2.12 -17.16 4.71
CA VAL C 295 -0.75 -17.30 5.20
C VAL C 295 -0.35 -18.77 5.26
N ILE C 296 -1.16 -19.57 5.94
CA ILE C 296 -0.87 -20.99 6.13
C ILE C 296 -0.77 -21.68 4.78
N ALA C 297 -1.73 -21.40 3.88
CA ALA C 297 -1.74 -22.06 2.58
C ALA C 297 -0.52 -21.67 1.75
N SER C 298 -0.16 -20.39 1.75
CA SER C 298 1.03 -19.98 1.01
CA SER C 298 1.03 -20.00 1.00
C SER C 298 2.30 -20.58 1.60
N SER C 299 2.33 -20.74 2.94
CA SER C 299 3.48 -21.37 3.59
C SER C 299 3.66 -22.83 3.18
N PHE C 300 2.61 -23.47 2.65
CA PHE C 300 2.68 -24.87 2.22
C PHE C 300 2.50 -25.02 0.71
N GLY C 301 2.71 -23.95 -0.05
CA GLY C 301 2.88 -24.07 -1.49
C GLY C 301 1.86 -23.32 -2.32
N GLN C 302 0.82 -22.69 -1.76
CA GLN C 302 -0.05 -21.91 -2.63
C GLN C 302 0.73 -20.75 -3.24
N THR C 303 0.59 -20.60 -4.55
CA THR C 303 1.31 -19.59 -5.30
C THR C 303 0.31 -18.57 -5.83
N ARG C 304 0.83 -17.43 -6.24
CA ARG C 304 -0.05 -16.49 -6.91
C ARG C 304 -0.06 -16.65 -8.42
N GLU C 305 0.81 -17.45 -9.01
CA GLU C 305 0.75 -17.70 -10.45
C GLU C 305 0.16 -19.05 -10.81
N GLY C 306 -0.27 -19.85 -9.83
CA GLY C 306 -0.88 -21.14 -10.11
C GLY C 306 -0.04 -22.18 -10.84
#